data_3ZO6
#
_entry.id   3ZO6
#
_cell.length_a   90.220
_cell.length_b   114.550
_cell.length_c   137.890
_cell.angle_alpha   90.00
_cell.angle_beta   90.00
_cell.angle_gamma   90.00
#
_symmetry.space_group_name_H-M   'P 21 21 21'
#
_entity_poly.entity_id   1
_entity_poly.type   'polypeptide(L)'
_entity_poly.pdbx_seq_one_letter_code
;(FME)AFLGAAIAAGLAAVGGAIGVAIIVKATIEGTTRQPELRGTLQTLMFIGVPLAEAVPIIAIVISLLILF
;
_entity_poly.pdbx_strand_id   A,B,C,D,E,F,H,I,J,K,L,M
#
# COMPACT_ATOMS: atom_id res chain seq x y z
N ALA A 2 -18.84 -6.99 -22.49
CA ALA A 2 -17.71 -7.70 -23.07
C ALA A 2 -16.63 -6.72 -23.48
N PHE A 3 -17.05 -5.54 -23.91
CA PHE A 3 -16.14 -4.46 -24.25
C PHE A 3 -15.43 -3.98 -22.99
N LEU A 4 -16.18 -3.88 -21.91
CA LEU A 4 -15.64 -3.49 -20.61
C LEU A 4 -14.59 -4.49 -20.13
N GLY A 5 -14.87 -5.78 -20.30
CA GLY A 5 -13.97 -6.84 -19.88
C GLY A 5 -12.58 -6.77 -20.49
N ALA A 6 -12.54 -6.68 -21.81
CA ALA A 6 -11.27 -6.60 -22.54
C ALA A 6 -10.42 -5.42 -22.06
N ALA A 7 -11.08 -4.37 -21.59
CA ALA A 7 -10.38 -3.18 -21.11
C ALA A 7 -9.64 -3.42 -19.81
N ILE A 8 -10.33 -3.96 -18.81
CA ILE A 8 -9.72 -4.18 -17.50
C ILE A 8 -8.70 -5.33 -17.51
N ALA A 9 -8.97 -6.37 -18.30
CA ALA A 9 -8.08 -7.52 -18.36
C ALA A 9 -6.71 -7.12 -18.89
N ALA A 10 -6.70 -6.25 -19.90
CA ALA A 10 -5.45 -5.73 -20.44
C ALA A 10 -4.92 -4.63 -19.53
N GLY A 11 -5.85 -3.85 -18.98
CA GLY A 11 -5.52 -2.75 -18.08
C GLY A 11 -4.93 -3.21 -16.76
N LEU A 12 -5.51 -4.26 -16.20
CA LEU A 12 -5.03 -4.81 -14.94
C LEU A 12 -3.69 -5.54 -15.17
N ALA A 13 -3.54 -6.08 -16.37
CA ALA A 13 -2.28 -6.73 -16.76
C ALA A 13 -1.20 -5.69 -17.03
N ALA A 14 -1.63 -4.47 -17.33
CA ALA A 14 -0.70 -3.38 -17.58
C ALA A 14 0.12 -3.05 -16.35
N VAL A 15 -0.55 -2.79 -15.24
CA VAL A 15 0.10 -2.51 -13.97
C VAL A 15 0.99 -3.67 -13.56
N GLY A 16 0.52 -4.89 -13.84
CA GLY A 16 1.31 -6.08 -13.59
C GLY A 16 2.59 -6.10 -14.37
N GLY A 17 2.47 -6.03 -15.70
CA GLY A 17 3.63 -6.09 -16.58
C GLY A 17 4.56 -4.91 -16.47
N ALA A 18 3.99 -3.74 -16.14
CA ALA A 18 4.80 -2.53 -15.99
C ALA A 18 5.64 -2.58 -14.72
N ILE A 19 4.98 -2.64 -13.58
CA ILE A 19 5.66 -2.66 -12.29
C ILE A 19 6.48 -3.95 -12.12
N GLY A 20 5.99 -5.02 -12.75
CA GLY A 20 6.68 -6.30 -12.73
C GLY A 20 8.07 -6.20 -13.32
N VAL A 21 8.16 -5.69 -14.54
CA VAL A 21 9.45 -5.49 -15.19
C VAL A 21 10.24 -4.35 -14.54
N ALA A 22 9.53 -3.33 -14.09
CA ALA A 22 10.16 -2.15 -13.51
C ALA A 22 11.00 -2.43 -12.27
N ILE A 23 10.48 -3.31 -11.41
CA ILE A 23 11.18 -3.65 -10.18
C ILE A 23 12.39 -4.53 -10.46
N ILE A 24 12.35 -5.28 -11.56
CA ILE A 24 13.44 -6.18 -11.94
C ILE A 24 14.64 -5.42 -12.49
N VAL A 25 14.38 -4.46 -13.37
CA VAL A 25 15.46 -3.68 -13.95
C VAL A 25 16.03 -2.71 -12.92
N LYS A 26 15.16 -2.19 -12.06
CA LYS A 26 15.60 -1.34 -10.95
C LYS A 26 16.57 -2.13 -10.07
N ALA A 27 16.25 -3.39 -9.83
CA ALA A 27 17.10 -4.27 -9.04
C ALA A 27 18.41 -4.54 -9.75
N THR A 28 18.34 -4.75 -11.06
CA THR A 28 19.52 -5.07 -11.86
C THR A 28 20.46 -3.85 -11.95
N ILE A 29 19.89 -2.65 -11.86
CA ILE A 29 20.70 -1.45 -11.86
C ILE A 29 21.42 -1.37 -10.52
N GLU A 30 20.73 -1.76 -9.45
CA GLU A 30 21.32 -1.79 -8.12
C GLU A 30 22.43 -2.83 -8.04
N GLY A 31 22.31 -3.87 -8.86
CA GLY A 31 23.33 -4.89 -8.92
C GLY A 31 24.60 -4.44 -9.61
N THR A 32 24.44 -3.85 -10.79
CA THR A 32 25.55 -3.37 -11.59
C THR A 32 26.27 -2.15 -11.01
N THR A 33 25.53 -1.31 -10.28
CA THR A 33 26.09 -0.07 -9.74
C THR A 33 27.14 -0.30 -8.66
N ARG A 34 27.00 -1.39 -7.92
CA ARG A 34 27.89 -1.64 -6.79
C ARG A 34 29.07 -2.52 -7.20
N GLN A 35 28.95 -3.15 -8.36
CA GLN A 35 30.12 -3.60 -9.12
C GLN A 35 29.73 -3.97 -10.55
N PRO A 36 30.26 -3.23 -11.54
CA PRO A 36 30.01 -3.34 -12.97
C PRO A 36 30.89 -4.40 -13.62
N GLU A 37 31.69 -5.07 -12.79
CA GLU A 37 32.62 -6.08 -13.26
C GLU A 37 31.83 -7.23 -13.90
N LEU A 38 30.65 -7.48 -13.34
CA LEU A 38 29.75 -8.55 -13.78
C LEU A 38 28.51 -8.05 -14.52
N ARG A 39 28.70 -7.11 -15.44
CA ARG A 39 27.57 -6.51 -16.15
C ARG A 39 26.83 -7.56 -16.97
N GLY A 40 27.57 -8.57 -17.41
CA GLY A 40 27.05 -9.56 -18.32
C GLY A 40 26.20 -10.61 -17.65
N THR A 41 26.59 -11.01 -16.44
CA THR A 41 25.85 -12.02 -15.69
C THR A 41 24.45 -11.53 -15.30
N LEU A 42 24.34 -10.27 -14.89
CA LEU A 42 23.05 -9.70 -14.57
C LEU A 42 22.25 -9.32 -15.81
N GLN A 43 22.96 -9.02 -16.90
CA GLN A 43 22.30 -8.71 -18.16
C GLN A 43 21.46 -9.90 -18.59
N THR A 44 22.05 -11.09 -18.55
CA THR A 44 21.32 -12.31 -18.87
C THR A 44 20.25 -12.58 -17.81
N LEU A 45 20.57 -12.24 -16.56
CA LEU A 45 19.65 -12.49 -15.45
C LEU A 45 18.36 -11.69 -15.52
N MET A 46 18.43 -10.44 -16.00
CA MET A 46 17.21 -9.67 -16.17
C MET A 46 16.51 -10.13 -17.46
N PHE A 47 17.29 -10.52 -18.45
CA PHE A 47 16.73 -11.03 -19.69
C PHE A 47 16.10 -12.41 -19.51
N ILE A 48 16.35 -13.02 -18.36
CA ILE A 48 15.65 -14.24 -17.99
C ILE A 48 14.41 -13.89 -17.19
N GLY A 49 14.56 -12.99 -16.23
CA GLY A 49 13.46 -12.62 -15.34
C GLY A 49 12.34 -11.85 -16.01
N VAL A 50 12.70 -10.98 -16.94
CA VAL A 50 11.71 -10.16 -17.66
C VAL A 50 10.64 -10.98 -18.41
N PRO A 51 11.05 -12.01 -19.18
CA PRO A 51 10.01 -12.82 -19.84
C PRO A 51 9.00 -13.47 -18.89
N LEU A 52 9.45 -14.13 -17.83
CA LEU A 52 8.50 -14.76 -16.90
C LEU A 52 7.61 -13.73 -16.21
N ALA A 53 8.18 -12.58 -15.90
CA ALA A 53 7.41 -11.48 -15.32
C ALA A 53 6.40 -10.96 -16.33
N GLU A 54 6.82 -10.87 -17.58
CA GLU A 54 5.97 -10.37 -18.65
C GLU A 54 4.99 -11.44 -19.10
N ALA A 55 5.34 -12.70 -18.81
CA ALA A 55 4.59 -13.87 -19.28
C ALA A 55 3.08 -13.82 -19.02
N VAL A 56 2.70 -13.67 -17.75
CA VAL A 56 1.29 -13.67 -17.41
C VAL A 56 0.51 -12.38 -17.79
N PRO A 57 1.14 -11.20 -17.70
CA PRO A 57 0.40 -10.05 -18.25
C PRO A 57 0.07 -10.26 -19.72
N ILE A 58 1.02 -10.76 -20.50
CA ILE A 58 0.81 -10.95 -21.93
C ILE A 58 -0.26 -12.01 -22.24
N ILE A 59 -0.29 -13.08 -21.47
CA ILE A 59 -1.33 -14.08 -21.66
C ILE A 59 -2.66 -13.53 -21.15
N ALA A 60 -2.59 -12.56 -20.24
CA ALA A 60 -3.80 -11.86 -19.80
C ALA A 60 -4.32 -10.91 -20.88
N ILE A 61 -3.44 -10.42 -21.74
CA ILE A 61 -3.90 -9.56 -22.85
C ILE A 61 -4.43 -10.37 -24.03
N VAL A 62 -3.90 -11.57 -24.25
CA VAL A 62 -4.44 -12.45 -25.28
C VAL A 62 -5.84 -12.86 -24.86
N ILE A 63 -6.03 -13.12 -23.58
CA ILE A 63 -7.36 -13.39 -23.04
C ILE A 63 -8.20 -12.12 -23.18
N SER A 64 -7.58 -10.97 -22.94
CA SER A 64 -8.24 -9.67 -23.14
C SER A 64 -8.63 -9.50 -24.61
N LEU A 65 -7.71 -9.82 -25.49
CA LEU A 65 -7.93 -9.68 -26.93
C LEU A 65 -8.93 -10.72 -27.42
N LEU A 66 -9.02 -11.85 -26.70
CA LEU A 66 -9.94 -12.91 -27.08
C LEU A 66 -11.40 -12.50 -26.83
N ILE A 67 -11.68 -11.84 -25.72
CA ILE A 67 -13.04 -11.36 -25.46
C ILE A 67 -13.43 -10.26 -26.44
N LEU A 68 -12.44 -9.63 -27.05
CA LEU A 68 -12.71 -8.53 -27.98
C LEU A 68 -12.89 -9.01 -29.41
N PHE A 69 -12.35 -10.18 -29.74
CA PHE A 69 -12.11 -10.59 -31.13
C PHE A 69 -11.88 -9.44 -32.11
N ALA B 2 -20.29 -13.01 -17.60
CA ALA B 2 -19.43 -14.10 -18.04
C ALA B 2 -18.24 -13.56 -18.82
N PHE B 3 -18.47 -12.52 -19.60
CA PHE B 3 -17.40 -11.85 -20.33
C PHE B 3 -16.47 -11.12 -19.35
N LEU B 4 -17.08 -10.43 -18.40
CA LEU B 4 -16.33 -9.72 -17.36
C LEU B 4 -15.52 -10.69 -16.50
N GLY B 5 -16.13 -11.83 -16.16
CA GLY B 5 -15.47 -12.82 -15.32
C GLY B 5 -14.16 -13.33 -15.89
N ALA B 6 -14.19 -13.84 -17.11
CA ALA B 6 -12.98 -14.34 -17.75
C ALA B 6 -11.91 -13.26 -17.81
N ALA B 7 -12.34 -12.01 -17.89
CA ALA B 7 -11.44 -10.86 -17.89
C ALA B 7 -10.83 -10.67 -16.50
N ILE B 8 -11.68 -10.68 -15.49
CA ILE B 8 -11.27 -10.46 -14.11
C ILE B 8 -10.42 -11.61 -13.58
N ALA B 9 -10.74 -12.84 -13.99
CA ALA B 9 -10.00 -14.01 -13.53
C ALA B 9 -8.56 -13.96 -14.01
N ALA B 10 -8.37 -13.60 -15.26
CA ALA B 10 -7.02 -13.47 -15.83
C ALA B 10 -6.35 -12.14 -15.51
N GLY B 11 -7.13 -11.06 -15.49
CA GLY B 11 -6.58 -9.74 -15.29
C GLY B 11 -5.99 -9.45 -13.93
N LEU B 12 -6.71 -9.79 -12.87
CA LEU B 12 -6.20 -9.59 -11.52
C LEU B 12 -5.13 -10.63 -11.18
N ALA B 13 -5.21 -11.79 -11.82
CA ALA B 13 -4.22 -12.84 -11.67
C ALA B 13 -2.89 -12.47 -12.34
N ALA B 14 -2.97 -11.53 -13.28
CA ALA B 14 -1.77 -11.06 -13.98
C ALA B 14 -0.83 -10.37 -12.99
N VAL B 15 -1.37 -9.41 -12.25
CA VAL B 15 -0.61 -8.70 -11.22
C VAL B 15 -0.01 -9.65 -10.19
N GLY B 16 -0.75 -10.70 -9.86
CA GLY B 16 -0.23 -11.71 -8.95
C GLY B 16 0.99 -12.36 -9.55
N GLY B 17 0.83 -12.95 -10.73
CA GLY B 17 1.92 -13.65 -11.39
C GLY B 17 3.05 -12.76 -11.88
N ALA B 18 2.73 -11.52 -12.24
CA ALA B 18 3.74 -10.59 -12.75
C ALA B 18 4.67 -10.17 -11.62
N ILE B 19 4.12 -9.48 -10.63
CA ILE B 19 4.90 -9.03 -9.49
C ILE B 19 5.41 -10.22 -8.66
N GLY B 20 4.68 -11.31 -8.71
CA GLY B 20 5.07 -12.53 -8.03
C GLY B 20 6.43 -13.01 -8.47
N VAL B 21 6.61 -13.16 -9.78
CA VAL B 21 7.89 -13.57 -10.33
C VAL B 21 8.91 -12.44 -10.20
N ALA B 22 8.42 -11.21 -10.32
CA ALA B 22 9.25 -10.01 -10.23
C ALA B 22 9.91 -9.87 -8.87
N ILE B 23 9.18 -10.23 -7.81
CA ILE B 23 9.69 -10.13 -6.44
C ILE B 23 10.79 -11.16 -6.22
N ILE B 24 10.68 -12.29 -6.91
CA ILE B 24 11.65 -13.37 -6.81
C ILE B 24 12.91 -13.07 -7.59
N VAL B 25 12.76 -12.48 -8.77
CA VAL B 25 13.91 -12.18 -9.62
C VAL B 25 14.74 -11.04 -9.03
N LYS B 26 14.07 -10.05 -8.44
CA LYS B 26 14.75 -8.97 -7.74
C LYS B 26 15.63 -9.53 -6.63
N ALA B 27 15.10 -10.54 -5.94
CA ALA B 27 15.82 -11.19 -4.85
C ALA B 27 17.07 -11.90 -5.37
N THR B 28 16.95 -12.55 -6.53
CA THR B 28 18.08 -13.27 -7.11
C THR B 28 19.15 -12.29 -7.60
N ILE B 29 18.72 -11.10 -8.00
CA ILE B 29 19.66 -10.06 -8.41
C ILE B 29 20.39 -9.54 -7.18
N GLU B 30 19.65 -9.37 -6.09
CA GLU B 30 20.20 -8.93 -4.83
C GLU B 30 21.14 -10.00 -4.26
N GLY B 31 20.86 -11.25 -4.59
CA GLY B 31 21.69 -12.36 -4.16
C GLY B 31 23.02 -12.39 -4.88
N THR B 32 22.96 -12.26 -6.20
CA THR B 32 24.18 -12.26 -7.02
C THR B 32 25.00 -10.99 -6.75
N THR B 33 24.32 -9.91 -6.39
CA THR B 33 24.95 -8.63 -6.13
C THR B 33 25.80 -8.64 -4.87
N ARG B 34 25.35 -9.38 -3.86
CA ARG B 34 26.03 -9.38 -2.58
C ARG B 34 26.96 -10.57 -2.44
N GLN B 35 26.95 -11.44 -3.46
CA GLN B 35 27.83 -12.59 -3.60
C GLN B 35 27.74 -13.08 -5.05
N PRO B 36 28.83 -12.91 -5.83
CA PRO B 36 28.79 -13.30 -7.24
C PRO B 36 29.23 -14.76 -7.44
N GLU B 37 29.72 -15.36 -6.37
CA GLU B 37 30.16 -16.74 -6.35
C GLU B 37 29.00 -17.71 -6.52
N LEU B 38 27.83 -17.29 -6.04
CA LEU B 38 26.65 -18.16 -5.98
C LEU B 38 25.66 -17.97 -7.12
N ARG B 39 26.14 -17.81 -8.34
CA ARG B 39 25.23 -17.61 -9.45
C ARG B 39 24.45 -18.90 -9.71
N GLY B 40 25.07 -20.03 -9.40
CA GLY B 40 24.48 -21.32 -9.70
C GLY B 40 23.46 -21.84 -8.70
N THR B 41 23.75 -21.68 -7.41
CA THR B 41 22.84 -22.15 -6.37
C THR B 41 21.54 -21.34 -6.31
N LEU B 42 21.65 -20.03 -6.49
CA LEU B 42 20.47 -19.16 -6.50
C LEU B 42 19.69 -19.22 -7.81
N GLN B 43 20.37 -19.51 -8.92
CA GLN B 43 19.69 -19.67 -10.20
C GLN B 43 18.70 -20.81 -10.10
N THR B 44 19.16 -21.94 -9.56
CA THR B 44 18.29 -23.09 -9.36
C THR B 44 17.23 -22.74 -8.33
N LEU B 45 17.63 -21.96 -7.33
CA LEU B 45 16.72 -21.54 -6.27
C LEU B 45 15.64 -20.59 -6.80
N MET B 46 16.01 -19.75 -7.77
CA MET B 46 15.06 -18.85 -8.41
C MET B 46 14.18 -19.60 -9.41
N PHE B 47 14.76 -20.60 -10.07
CA PHE B 47 14.01 -21.43 -11.02
C PHE B 47 13.02 -22.34 -10.32
N ILE B 48 13.12 -22.42 -9.00
CA ILE B 48 12.14 -23.13 -8.19
C ILE B 48 11.01 -22.20 -7.78
N GLY B 49 11.36 -21.00 -7.34
CA GLY B 49 10.37 -20.05 -6.88
C GLY B 49 9.44 -19.55 -7.96
N VAL B 50 9.97 -19.37 -9.16
CA VAL B 50 9.20 -18.85 -10.29
C VAL B 50 7.94 -19.67 -10.67
N PRO B 51 8.06 -21.01 -10.82
CA PRO B 51 6.85 -21.78 -11.14
C PRO B 51 5.74 -21.69 -10.09
N LEU B 52 6.07 -21.90 -8.81
CA LEU B 52 5.08 -21.83 -7.75
C LEU B 52 4.45 -20.45 -7.61
N ALA B 53 5.25 -19.41 -7.84
CA ALA B 53 4.73 -18.05 -7.86
C ALA B 53 3.78 -17.91 -9.04
N GLU B 54 4.18 -18.50 -10.15
CA GLU B 54 3.40 -18.46 -11.38
C GLU B 54 2.24 -19.45 -11.33
N ALA B 55 2.37 -20.47 -10.49
CA ALA B 55 1.42 -21.60 -10.43
C ALA B 55 -0.06 -21.21 -10.35
N VAL B 56 -0.42 -20.41 -9.36
CA VAL B 56 -1.82 -20.05 -9.14
C VAL B 56 -2.42 -19.10 -10.19
N PRO B 57 -1.65 -18.11 -10.68
CA PRO B 57 -2.18 -17.30 -11.79
C PRO B 57 -2.61 -18.11 -13.02
N ILE B 58 -1.81 -19.10 -13.46
CA ILE B 58 -2.19 -19.85 -14.66
C ILE B 58 -3.46 -20.67 -14.43
N ILE B 59 -3.65 -21.18 -13.22
CA ILE B 59 -4.85 -21.92 -12.89
C ILE B 59 -6.05 -20.98 -12.86
N ALA B 60 -5.78 -19.72 -12.54
CA ALA B 60 -6.79 -18.69 -12.61
C ALA B 60 -7.08 -18.36 -14.08
N ILE B 61 -6.09 -18.63 -14.93
CA ILE B 61 -6.26 -18.47 -16.38
C ILE B 61 -7.02 -19.65 -16.99
N VAL B 62 -6.82 -20.86 -16.44
CA VAL B 62 -7.60 -22.00 -16.87
C VAL B 62 -9.06 -21.77 -16.54
N ILE B 63 -9.31 -21.28 -15.33
CA ILE B 63 -10.66 -20.91 -14.94
C ILE B 63 -11.16 -19.77 -15.82
N SER B 64 -10.25 -18.86 -16.15
CA SER B 64 -10.55 -17.76 -17.07
C SER B 64 -10.94 -18.29 -18.44
N LEU B 65 -10.17 -19.25 -18.93
CA LEU B 65 -10.40 -19.83 -20.24
C LEU B 65 -11.67 -20.68 -20.28
N LEU B 66 -12.03 -21.24 -19.13
CA LEU B 66 -13.24 -22.03 -19.02
C LEU B 66 -14.45 -21.10 -19.09
N ILE B 67 -14.35 -19.99 -18.39
CA ILE B 67 -15.40 -18.97 -18.40
C ILE B 67 -15.47 -18.29 -19.77
N LEU B 68 -14.38 -18.40 -20.53
CA LEU B 68 -14.31 -17.79 -21.85
C LEU B 68 -14.87 -18.73 -22.91
N PHE B 69 -15.04 -20.00 -22.53
CA PHE B 69 -15.29 -21.08 -23.46
C PHE B 69 -14.16 -21.23 -24.48
N ALA C 2 -22.76 -15.35 -12.71
CA ALA C 2 -22.50 -16.54 -11.90
C ALA C 2 -21.08 -17.02 -12.18
N PHE C 3 -20.69 -16.91 -13.45
CA PHE C 3 -19.32 -17.20 -13.86
C PHE C 3 -18.37 -16.17 -13.27
N LEU C 4 -18.83 -14.92 -13.20
CA LEU C 4 -18.06 -13.81 -12.65
C LEU C 4 -17.56 -14.07 -11.23
N GLY C 5 -18.42 -14.63 -10.39
CA GLY C 5 -18.04 -14.94 -9.02
C GLY C 5 -16.84 -15.87 -8.97
N ALA C 6 -16.95 -16.99 -9.68
CA ALA C 6 -15.88 -17.97 -9.76
C ALA C 6 -14.57 -17.37 -10.24
N ALA C 7 -14.68 -16.32 -11.04
CA ALA C 7 -13.52 -15.67 -11.62
C ALA C 7 -12.66 -14.94 -10.59
N ILE C 8 -13.30 -14.11 -9.77
CA ILE C 8 -12.57 -13.35 -8.76
C ILE C 8 -12.04 -14.25 -7.65
N ALA C 9 -12.79 -15.30 -7.32
CA ALA C 9 -12.40 -16.22 -6.26
C ALA C 9 -11.09 -16.93 -6.61
N ALA C 10 -10.95 -17.31 -7.89
CA ALA C 10 -9.71 -17.91 -8.37
C ALA C 10 -8.68 -16.81 -8.60
N GLY C 11 -9.15 -15.65 -9.05
CA GLY C 11 -8.30 -14.51 -9.30
C GLY C 11 -7.70 -13.95 -8.03
N LEU C 12 -8.52 -13.85 -6.99
CA LEU C 12 -8.06 -13.35 -5.68
C LEU C 12 -7.16 -14.38 -5.02
N ALA C 13 -7.36 -15.65 -5.34
CA ALA C 13 -6.50 -16.71 -4.85
C ALA C 13 -5.15 -16.67 -5.55
N ALA C 14 -5.14 -16.12 -6.76
CA ALA C 14 -3.91 -15.99 -7.53
C ALA C 14 -2.98 -14.99 -6.86
N VAL C 15 -3.50 -13.79 -6.61
CA VAL C 15 -2.74 -12.74 -5.92
C VAL C 15 -2.28 -13.22 -4.55
N GLY C 16 -3.15 -13.97 -3.86
CA GLY C 16 -2.78 -14.56 -2.59
C GLY C 16 -1.65 -15.56 -2.77
N GLY C 17 -1.89 -16.57 -3.60
CA GLY C 17 -0.93 -17.63 -3.83
C GLY C 17 0.37 -17.23 -4.51
N ALA C 18 0.30 -16.22 -5.38
CA ALA C 18 1.49 -15.77 -6.09
C ALA C 18 2.45 -15.04 -5.16
N ILE C 19 2.00 -13.91 -4.63
CA ILE C 19 2.82 -13.10 -3.73
C ILE C 19 3.12 -13.86 -2.44
N GLY C 20 2.21 -14.76 -2.06
CA GLY C 20 2.40 -15.60 -0.90
C GLY C 20 3.66 -16.43 -1.04
N VAL C 21 3.76 -17.16 -2.15
CA VAL C 21 4.92 -17.99 -2.43
C VAL C 21 6.13 -17.10 -2.75
N ALA C 22 5.87 -15.96 -3.39
CA ALA C 22 6.92 -15.03 -3.75
C ALA C 22 7.66 -14.50 -2.52
N ILE C 23 6.92 -14.28 -1.44
CA ILE C 23 7.49 -13.74 -0.21
C ILE C 23 8.39 -14.72 0.55
N ILE C 24 8.07 -16.01 0.51
CA ILE C 24 8.87 -17.00 1.21
C ILE C 24 10.16 -17.34 0.45
N VAL C 25 10.05 -17.51 -0.86
CA VAL C 25 11.21 -17.86 -1.67
C VAL C 25 12.19 -16.69 -1.78
N LYS C 26 11.67 -15.46 -1.82
CA LYS C 26 12.54 -14.29 -1.78
C LYS C 26 13.35 -14.32 -0.51
N ALA C 27 12.69 -14.70 0.59
CA ALA C 27 13.34 -14.81 1.89
C ALA C 27 14.34 -15.96 1.89
N THR C 28 13.98 -17.07 1.26
CA THR C 28 14.85 -18.24 1.20
C THR C 28 16.09 -17.94 0.36
N ILE C 29 15.94 -17.04 -0.62
CA ILE C 29 17.08 -16.62 -1.42
C ILE C 29 17.95 -15.74 -0.55
N GLU C 30 17.31 -14.90 0.25
CA GLU C 30 18.03 -14.03 1.18
C GLU C 30 18.73 -14.83 2.27
N GLY C 31 18.18 -15.99 2.59
CA GLY C 31 18.80 -16.86 3.56
C GLY C 31 20.07 -17.46 3.01
N THR C 32 19.98 -17.96 1.78
CA THR C 32 21.13 -18.57 1.11
C THR C 32 22.22 -17.57 0.71
N THR C 33 21.84 -16.34 0.39
CA THR C 33 22.83 -15.37 -0.09
C THR C 33 23.80 -14.91 1.02
N ARG C 34 23.29 -14.79 2.25
CA ARG C 34 24.13 -14.32 3.34
C ARG C 34 24.66 -15.48 4.17
N GLN C 35 23.95 -16.60 4.12
CA GLN C 35 24.57 -17.87 4.49
C GLN C 35 24.27 -18.96 3.46
N PRO C 36 25.27 -19.30 2.64
CA PRO C 36 25.15 -20.35 1.64
C PRO C 36 25.58 -21.69 2.23
N GLU C 37 26.06 -21.63 3.46
CA GLU C 37 26.58 -22.79 4.16
C GLU C 37 25.50 -23.81 4.48
N LEU C 38 24.34 -23.35 4.93
CA LEU C 38 23.24 -24.23 5.30
C LEU C 38 22.06 -24.14 4.33
N ARG C 39 22.34 -24.17 3.03
CA ARG C 39 21.28 -23.97 2.04
C ARG C 39 20.19 -25.04 2.15
N GLY C 40 20.59 -26.24 2.58
CA GLY C 40 19.69 -27.37 2.56
C GLY C 40 18.69 -27.42 3.69
N THR C 41 19.12 -27.08 4.90
CA THR C 41 18.21 -27.12 6.05
C THR C 41 17.10 -26.09 5.92
N LEU C 42 17.44 -24.90 5.42
CA LEU C 42 16.44 -23.86 5.19
C LEU C 42 15.62 -24.15 3.93
N GLN C 43 16.22 -24.87 2.99
CA GLN C 43 15.53 -25.26 1.77
C GLN C 43 14.30 -26.08 2.09
N THR C 44 14.46 -27.07 2.94
CA THR C 44 13.35 -27.92 3.37
C THR C 44 12.33 -27.09 4.15
N LEU C 45 12.84 -26.12 4.91
CA LEU C 45 12.00 -25.24 5.71
C LEU C 45 11.11 -24.36 4.85
N MET C 46 11.61 -23.97 3.68
CA MET C 46 10.80 -23.18 2.74
C MET C 46 9.77 -24.09 2.06
N PHE C 47 10.17 -25.34 1.83
CA PHE C 47 9.28 -26.33 1.24
C PHE C 47 8.20 -26.79 2.21
N ILE C 48 8.33 -26.39 3.47
CA ILE C 48 7.30 -26.61 4.46
C ILE C 48 6.31 -25.45 4.45
N GLY C 49 6.86 -24.23 4.41
CA GLY C 49 6.04 -23.02 4.42
C GLY C 49 5.21 -22.81 3.17
N VAL C 50 5.78 -23.18 2.02
CA VAL C 50 5.11 -22.99 0.73
C VAL C 50 3.73 -23.67 0.60
N PRO C 51 3.61 -24.96 0.98
CA PRO C 51 2.28 -25.57 0.94
C PRO C 51 1.29 -24.83 1.82
N LEU C 52 1.71 -24.51 3.05
CA LEU C 52 0.85 -23.77 3.99
C LEU C 52 0.48 -22.40 3.44
N ALA C 53 1.42 -21.79 2.73
CA ALA C 53 1.17 -20.50 2.09
C ALA C 53 0.12 -20.65 1.00
N GLU C 54 0.23 -21.72 0.22
CA GLU C 54 -0.68 -21.99 -0.88
C GLU C 54 -2.00 -22.58 -0.38
N ALA C 55 -1.98 -23.13 0.84
CA ALA C 55 -3.13 -23.85 1.40
C ALA C 55 -4.46 -23.12 1.28
N VAL C 56 -4.54 -21.91 1.81
CA VAL C 56 -5.78 -21.15 1.79
C VAL C 56 -6.14 -20.59 0.40
N PRO C 57 -5.14 -20.08 -0.35
CA PRO C 57 -5.45 -19.72 -1.74
C PRO C 57 -5.98 -20.90 -2.53
N ILE C 58 -5.38 -22.07 -2.35
CA ILE C 58 -5.77 -23.26 -3.10
C ILE C 58 -7.20 -23.70 -2.76
N ILE C 59 -7.62 -23.54 -1.50
CA ILE C 59 -8.98 -23.87 -1.10
C ILE C 59 -9.97 -22.85 -1.68
N ALA C 60 -9.50 -21.63 -1.88
CA ALA C 60 -10.30 -20.60 -2.52
C ALA C 60 -10.45 -20.91 -4.01
N ILE C 61 -9.50 -21.65 -4.56
CA ILE C 61 -9.57 -22.07 -5.95
C ILE C 61 -10.51 -23.27 -6.14
N VAL C 62 -10.57 -24.15 -5.16
CA VAL C 62 -11.51 -25.28 -5.23
C VAL C 62 -12.95 -24.83 -5.24
N ILE C 63 -13.29 -23.89 -4.36
CA ILE C 63 -14.62 -23.31 -4.34
C ILE C 63 -14.89 -22.55 -5.63
N SER C 64 -13.86 -21.92 -6.18
CA SER C 64 -13.96 -21.22 -7.46
C SER C 64 -14.35 -22.19 -8.57
N LEU C 65 -13.68 -23.34 -8.59
CA LEU C 65 -13.96 -24.36 -9.59
C LEU C 65 -15.30 -25.03 -9.29
N LEU C 66 -15.68 -25.02 -8.01
CA LEU C 66 -16.94 -25.65 -7.59
C LEU C 66 -18.16 -24.85 -8.04
N ILE C 67 -18.12 -23.54 -7.87
CA ILE C 67 -19.22 -22.68 -8.30
C ILE C 67 -19.33 -22.63 -9.82
N LEU C 68 -18.24 -22.98 -10.51
CA LEU C 68 -18.23 -23.00 -11.97
C LEU C 68 -17.70 -24.34 -12.48
N PHE C 69 -18.57 -25.35 -12.55
CA PHE C 69 -19.95 -25.25 -12.07
C PHE C 69 -20.39 -26.52 -11.37
N ALA D 2 -25.46 -15.52 -3.94
CA ALA D 2 -24.87 -16.33 -2.89
C ALA D 2 -23.55 -16.91 -3.39
N PHE D 3 -23.50 -17.24 -4.67
CA PHE D 3 -22.27 -17.69 -5.30
C PHE D 3 -21.26 -16.55 -5.35
N LEU D 4 -21.72 -15.36 -5.68
CA LEU D 4 -20.86 -14.17 -5.70
C LEU D 4 -20.30 -13.90 -4.32
N GLY D 5 -21.15 -14.00 -3.31
CA GLY D 5 -20.75 -13.82 -1.93
C GLY D 5 -19.66 -14.79 -1.54
N ALA D 6 -19.92 -16.09 -1.78
CA ALA D 6 -18.97 -17.15 -1.49
C ALA D 6 -17.64 -16.93 -2.17
N ALA D 7 -17.68 -16.24 -3.32
CA ALA D 7 -16.48 -15.96 -4.09
C ALA D 7 -15.57 -14.93 -3.40
N ILE D 8 -16.14 -13.80 -3.01
CA ILE D 8 -15.36 -12.75 -2.37
C ILE D 8 -14.91 -13.14 -0.97
N ALA D 9 -15.75 -13.89 -0.26
CA ALA D 9 -15.44 -14.34 1.09
C ALA D 9 -14.25 -15.28 1.09
N ALA D 10 -14.21 -16.16 0.08
CA ALA D 10 -13.11 -17.10 -0.06
C ALA D 10 -11.88 -16.41 -0.65
N GLY D 11 -12.13 -15.47 -1.56
CA GLY D 11 -11.05 -14.73 -2.19
C GLY D 11 -10.33 -13.84 -1.20
N LEU D 12 -11.10 -13.19 -0.34
CA LEU D 12 -10.55 -12.33 0.69
C LEU D 12 -9.87 -13.13 1.79
N ALA D 13 -10.37 -14.33 2.03
CA ALA D 13 -9.75 -15.21 3.02
C ALA D 13 -8.45 -15.78 2.47
N ALA D 14 -8.36 -15.84 1.14
CA ALA D 14 -7.16 -16.33 0.48
C ALA D 14 -5.99 -15.38 0.71
N VAL D 15 -6.19 -14.12 0.39
CA VAL D 15 -5.17 -13.08 0.58
C VAL D 15 -4.75 -12.99 2.04
N GLY D 16 -5.71 -13.14 2.94
CA GLY D 16 -5.43 -13.16 4.36
C GLY D 16 -4.54 -14.33 4.74
N GLY D 17 -5.01 -15.53 4.44
CA GLY D 17 -4.30 -16.75 4.80
C GLY D 17 -2.99 -16.96 4.08
N ALA D 18 -2.89 -16.46 2.84
CA ALA D 18 -1.67 -16.61 2.06
C ALA D 18 -0.54 -15.75 2.62
N ILE D 19 -0.72 -14.43 2.58
CA ILE D 19 0.28 -13.50 3.08
C ILE D 19 0.46 -13.64 4.59
N GLY D 20 -0.59 -14.07 5.27
CA GLY D 20 -0.52 -14.31 6.70
C GLY D 20 0.54 -15.33 7.04
N VAL D 21 0.46 -16.51 6.42
CA VAL D 21 1.46 -17.55 6.64
C VAL D 21 2.79 -17.16 5.98
N ALA D 22 2.69 -16.42 4.88
CA ALA D 22 3.88 -16.00 4.15
C ALA D 22 4.80 -15.14 5.03
N ILE D 23 4.20 -14.29 5.86
CA ILE D 23 4.97 -13.40 6.72
C ILE D 23 5.66 -14.12 7.89
N ILE D 24 5.01 -15.15 8.43
CA ILE D 24 5.60 -15.87 9.56
C ILE D 24 6.72 -16.81 9.11
N VAL D 25 6.51 -17.49 7.98
CA VAL D 25 7.51 -18.41 7.48
C VAL D 25 8.72 -17.65 6.91
N LYS D 26 8.46 -16.49 6.30
CA LYS D 26 9.54 -15.61 5.87
C LYS D 26 10.37 -15.22 7.08
N ALA D 27 9.69 -14.94 8.19
CA ALA D 27 10.36 -14.58 9.43
C ALA D 27 11.16 -15.76 9.97
N THR D 28 10.56 -16.96 9.90
CA THR D 28 11.23 -18.15 10.39
C THR D 28 12.40 -18.55 9.50
N ILE D 29 12.30 -18.23 8.20
CA ILE D 29 13.40 -18.50 7.28
C ILE D 29 14.52 -17.50 7.58
N GLU D 30 14.12 -16.25 7.83
CA GLU D 30 15.06 -15.22 8.24
C GLU D 30 15.59 -15.53 9.64
N GLY D 31 14.78 -16.23 10.42
CA GLY D 31 15.14 -16.61 11.76
C GLY D 31 16.24 -17.66 11.81
N THR D 32 16.06 -18.70 11.01
CA THR D 32 17.05 -19.78 10.94
C THR D 32 18.33 -19.25 10.31
N THR D 33 18.19 -18.19 9.50
CA THR D 33 19.31 -17.60 8.78
C THR D 33 20.34 -16.93 9.68
N ARG D 34 19.89 -16.22 10.71
CA ARG D 34 20.85 -15.51 11.55
C ARG D 34 21.14 -16.23 12.87
N GLN D 35 20.59 -17.44 13.01
CA GLN D 35 20.95 -18.39 14.06
C GLN D 35 20.35 -19.75 13.69
N PRO D 36 21.20 -20.72 13.31
CA PRO D 36 20.69 -22.04 12.92
C PRO D 36 20.63 -23.03 14.08
N GLU D 37 21.18 -22.66 15.23
CA GLU D 37 21.17 -23.52 16.40
C GLU D 37 19.74 -23.68 16.91
N LEU D 38 18.96 -22.62 16.76
CA LEU D 38 17.59 -22.61 17.24
C LEU D 38 16.61 -22.77 16.09
N ARG D 39 16.95 -23.65 15.15
CA ARG D 39 16.10 -23.90 14.00
C ARG D 39 14.83 -24.62 14.48
N GLY D 40 14.98 -25.37 15.56
CA GLY D 40 13.91 -26.18 16.10
C GLY D 40 12.93 -25.38 16.93
N THR D 41 13.45 -24.44 17.71
CA THR D 41 12.61 -23.60 18.57
C THR D 41 11.71 -22.70 17.73
N LEU D 42 12.25 -22.16 16.64
CA LEU D 42 11.49 -21.30 15.75
C LEU D 42 10.54 -22.12 14.87
N GLN D 43 10.93 -23.36 14.58
CA GLN D 43 10.07 -24.26 13.84
C GLN D 43 8.81 -24.50 14.64
N THR D 44 8.98 -24.79 15.92
CA THR D 44 7.86 -25.01 16.84
C THR D 44 7.07 -23.72 17.00
N LEU D 45 7.78 -22.60 17.06
CA LEU D 45 7.15 -21.29 17.21
C LEU D 45 6.31 -20.95 15.98
N MET D 46 6.79 -21.36 14.82
CA MET D 46 6.07 -21.14 13.57
C MET D 46 4.90 -22.12 13.44
N PHE D 47 5.09 -23.33 13.94
CA PHE D 47 4.01 -24.33 13.92
C PHE D 47 2.92 -24.00 14.95
N ILE D 48 3.20 -23.05 15.83
CA ILE D 48 2.19 -22.52 16.75
C ILE D 48 1.48 -21.32 16.14
N GLY D 49 2.25 -20.43 15.52
CA GLY D 49 1.72 -19.22 14.93
C GLY D 49 0.81 -19.47 13.73
N VAL D 50 1.17 -20.48 12.94
CA VAL D 50 0.40 -20.80 11.73
C VAL D 50 -1.08 -21.13 11.99
N PRO D 51 -1.39 -22.00 12.97
CA PRO D 51 -2.81 -22.22 13.27
C PRO D 51 -3.54 -20.92 13.62
N LEU D 52 -2.91 -20.10 14.47
CA LEU D 52 -3.47 -18.81 14.84
C LEU D 52 -3.63 -17.89 13.63
N ALA D 53 -2.68 -17.98 12.70
CA ALA D 53 -2.73 -17.24 11.45
C ALA D 53 -3.89 -17.73 10.59
N GLU D 54 -4.09 -19.04 10.57
CA GLU D 54 -5.16 -19.67 9.81
C GLU D 54 -6.52 -19.57 10.49
N ALA D 55 -6.51 -19.29 11.79
CA ALA D 55 -7.73 -19.30 12.60
C ALA D 55 -8.91 -18.56 11.95
N VAL D 56 -8.71 -17.29 11.60
CA VAL D 56 -9.79 -16.53 10.99
C VAL D 56 -10.06 -16.89 9.51
N PRO D 57 -8.99 -17.10 8.71
CA PRO D 57 -9.26 -17.58 7.35
C PRO D 57 -10.03 -18.91 7.28
N ILE D 58 -9.69 -19.88 8.12
CA ILE D 58 -10.38 -21.17 8.08
C ILE D 58 -11.84 -21.06 8.50
N ILE D 59 -12.13 -20.20 9.47
CA ILE D 59 -13.51 -19.94 9.85
C ILE D 59 -14.20 -19.05 8.82
N ALA D 60 -13.42 -18.24 8.11
CA ALA D 60 -13.97 -17.42 7.03
C ALA D 60 -14.31 -18.21 5.77
N ILE D 61 -13.61 -19.33 5.55
CA ILE D 61 -13.89 -20.16 4.38
C ILE D 61 -15.11 -21.07 4.58
N VAL D 62 -15.37 -21.51 5.81
CA VAL D 62 -16.56 -22.30 6.07
C VAL D 62 -17.82 -21.46 5.80
N ILE D 63 -17.78 -20.20 6.21
CA ILE D 63 -18.87 -19.27 5.91
C ILE D 63 -19.04 -19.09 4.40
N SER D 64 -17.92 -19.08 3.69
CA SER D 64 -17.95 -19.04 2.23
C SER D 64 -18.63 -20.28 1.68
N LEU D 65 -18.29 -21.44 2.22
CA LEU D 65 -18.89 -22.69 1.78
C LEU D 65 -20.34 -22.80 2.24
N LEU D 66 -20.62 -22.18 3.39
CA LEU D 66 -21.97 -22.18 3.96
C LEU D 66 -22.92 -21.26 3.18
N ILE D 67 -22.45 -20.08 2.81
CA ILE D 67 -23.26 -19.14 2.07
C ILE D 67 -23.57 -19.67 0.66
N LEU D 68 -22.80 -20.65 0.22
CA LEU D 68 -23.03 -21.24 -1.09
C LEU D 68 -24.04 -22.39 -1.00
N PHE D 69 -24.20 -22.95 0.21
CA PHE D 69 -24.81 -24.27 0.39
C PHE D 69 -24.68 -25.22 -0.80
N ALA E 2 -28.48 -9.49 3.16
CA ALA E 2 -27.88 -9.90 1.91
C ALA E 2 -26.85 -11.02 2.14
N PHE E 3 -26.83 -11.99 1.24
CA PHE E 3 -25.82 -13.04 1.28
C PHE E 3 -24.45 -12.45 1.00
N LEU E 4 -24.40 -11.53 0.04
CA LEU E 4 -23.18 -10.82 -0.31
C LEU E 4 -22.60 -10.08 0.90
N GLY E 5 -23.47 -9.45 1.69
CA GLY E 5 -23.05 -8.71 2.86
C GLY E 5 -22.27 -9.55 3.87
N ALA E 6 -22.83 -10.69 4.25
CA ALA E 6 -22.20 -11.59 5.21
C ALA E 6 -20.78 -11.99 4.78
N ALA E 7 -20.53 -11.97 3.48
CA ALA E 7 -19.25 -12.34 2.91
C ALA E 7 -18.14 -11.33 3.23
N ILE E 8 -18.43 -10.05 3.01
CA ILE E 8 -17.43 -9.00 3.20
C ILE E 8 -17.05 -8.81 4.67
N ALA E 9 -18.03 -8.98 5.56
CA ALA E 9 -17.78 -8.84 6.99
C ALA E 9 -16.84 -9.94 7.46
N ALA E 10 -17.03 -11.14 6.91
CA ALA E 10 -16.18 -12.28 7.20
C ALA E 10 -14.87 -12.18 6.42
N GLY E 11 -14.97 -11.67 5.20
CA GLY E 11 -13.81 -11.52 4.33
C GLY E 11 -12.80 -10.51 4.84
N LEU E 12 -13.31 -9.36 5.30
CA LEU E 12 -12.44 -8.32 5.83
C LEU E 12 -11.87 -8.71 7.18
N ALA E 13 -12.62 -9.53 7.93
CA ALA E 13 -12.13 -10.05 9.19
C ALA E 13 -11.07 -11.11 8.96
N ALA E 14 -11.12 -11.75 7.79
CA ALA E 14 -10.14 -12.75 7.41
C ALA E 14 -8.77 -12.10 7.20
N VAL E 15 -8.73 -11.10 6.32
CA VAL E 15 -7.50 -10.36 6.07
C VAL E 15 -7.01 -9.71 7.35
N GLY E 16 -7.96 -9.20 8.13
CA GLY E 16 -7.65 -8.59 9.41
C GLY E 16 -7.02 -9.57 10.39
N GLY E 17 -7.75 -10.64 10.69
CA GLY E 17 -7.30 -11.61 11.68
C GLY E 17 -6.08 -12.41 11.27
N ALA E 18 -5.92 -12.65 9.98
CA ALA E 18 -4.77 -13.43 9.50
C ALA E 18 -3.48 -12.63 9.60
N ILE E 19 -3.38 -11.55 8.83
CA ILE E 19 -2.18 -10.71 8.83
C ILE E 19 -1.98 -10.03 10.18
N GLY E 20 -3.09 -9.77 10.87
CA GLY E 20 -3.06 -9.18 12.19
C GLY E 20 -2.26 -10.07 13.14
N VAL E 21 -2.65 -11.33 13.22
CA VAL E 21 -1.93 -12.28 14.07
C VAL E 21 -0.57 -12.60 13.47
N ALA E 22 -0.48 -12.59 12.15
CA ALA E 22 0.77 -12.90 11.46
C ALA E 22 1.89 -11.93 11.83
N ILE E 23 1.56 -10.65 11.96
CA ILE E 23 2.56 -9.63 12.24
C ILE E 23 3.10 -9.69 13.68
N ILE E 24 2.29 -10.15 14.63
CA ILE E 24 2.75 -10.26 16.01
C ILE E 24 3.64 -11.48 16.18
N VAL E 25 3.26 -12.58 15.55
CA VAL E 25 4.05 -13.80 15.64
C VAL E 25 5.35 -13.62 14.88
N LYS E 26 5.29 -12.89 13.76
CA LYS E 26 6.48 -12.53 13.02
C LYS E 26 7.44 -11.78 13.94
N ALA E 27 6.87 -10.88 14.75
CA ALA E 27 7.65 -10.11 15.70
C ALA E 27 8.26 -11.00 16.78
N THR E 28 7.50 -12.00 17.23
CA THR E 28 7.99 -12.90 18.27
C THR E 28 9.11 -13.78 17.70
N ILE E 29 9.05 -14.05 16.41
CA ILE E 29 10.12 -14.79 15.73
C ILE E 29 11.33 -13.88 15.62
N GLU E 30 11.08 -12.62 15.30
CA GLU E 30 12.13 -11.62 15.22
C GLU E 30 12.73 -11.36 16.60
N GLY E 31 11.91 -11.54 17.63
CA GLY E 31 12.33 -11.39 19.01
C GLY E 31 13.24 -12.53 19.43
N THR E 32 12.84 -13.75 19.08
CA THR E 32 13.58 -14.94 19.45
C THR E 32 14.96 -14.99 18.79
N THR E 33 15.09 -14.35 17.62
CA THR E 33 16.35 -14.37 16.90
C THR E 33 17.46 -13.58 17.60
N ARG E 34 17.08 -12.46 18.20
CA ARG E 34 18.05 -11.58 18.84
C ARG E 34 18.07 -11.70 20.36
N GLN E 35 19.08 -12.40 20.87
CA GLN E 35 19.29 -12.61 22.30
C GLN E 35 18.10 -13.30 22.98
N PRO E 36 17.92 -14.60 22.70
CA PRO E 36 16.81 -15.41 23.22
C PRO E 36 17.16 -16.15 24.52
N GLU E 37 17.85 -15.51 25.46
CA GLU E 37 18.20 -16.21 26.69
C GLU E 37 16.94 -16.53 27.47
N LEU E 38 15.98 -15.60 27.42
CA LEU E 38 14.70 -15.77 28.09
C LEU E 38 13.58 -16.00 27.06
N ARG E 39 13.51 -17.22 26.54
CA ARG E 39 12.53 -17.58 25.51
C ARG E 39 11.08 -17.56 26.00
N GLY E 40 10.90 -17.70 27.31
CA GLY E 40 9.59 -17.84 27.91
C GLY E 40 8.79 -16.56 28.05
N THR E 41 9.47 -15.46 28.36
CA THR E 41 8.79 -14.18 28.58
C THR E 41 8.09 -13.63 27.34
N LEU E 42 8.70 -13.80 26.17
CA LEU E 42 8.08 -13.33 24.93
C LEU E 42 6.94 -14.24 24.46
N GLN E 43 7.02 -15.52 24.84
CA GLN E 43 5.95 -16.48 24.54
C GLN E 43 4.64 -16.02 25.16
N THR E 44 4.68 -15.61 26.41
CA THR E 44 3.51 -15.11 27.11
C THR E 44 3.01 -13.80 26.48
N LEU E 45 3.95 -12.97 26.04
CA LEU E 45 3.61 -11.69 25.43
C LEU E 45 2.90 -11.88 24.11
N MET E 46 3.27 -12.92 23.37
CA MET E 46 2.62 -13.23 22.11
C MET E 46 1.26 -13.88 22.34
N PHE E 47 1.15 -14.68 23.39
CA PHE E 47 -0.11 -15.31 23.77
C PHE E 47 -1.10 -14.31 24.39
N ILE E 48 -0.63 -13.11 24.70
CA ILE E 48 -1.51 -12.04 25.15
C ILE E 48 -2.01 -11.23 23.97
N GLY E 49 -1.10 -10.88 23.06
CA GLY E 49 -1.44 -10.04 21.93
C GLY E 49 -2.39 -10.68 20.95
N VAL E 50 -2.23 -11.99 20.73
CA VAL E 50 -3.06 -12.73 19.77
C VAL E 50 -4.58 -12.66 20.04
N PRO E 51 -5.03 -12.91 21.29
CA PRO E 51 -6.47 -12.79 21.54
C PRO E 51 -7.06 -11.41 21.25
N LEU E 52 -6.46 -10.33 21.75
CA LEU E 52 -6.98 -8.99 21.50
C LEU E 52 -6.94 -8.63 20.01
N ALA E 53 -5.91 -9.11 19.32
CA ALA E 53 -5.80 -8.91 17.88
C ALA E 53 -6.92 -9.65 17.16
N GLU E 54 -7.22 -10.86 17.62
CA GLU E 54 -8.27 -11.68 17.02
C GLU E 54 -9.66 -11.25 17.50
N ALA E 55 -9.70 -10.61 18.66
CA ALA E 55 -10.95 -10.25 19.33
C ALA E 55 -11.98 -9.56 18.45
N VAL E 56 -11.58 -8.46 17.81
CA VAL E 56 -12.51 -7.69 16.99
C VAL E 56 -12.87 -8.33 15.64
N PRO E 57 -11.90 -8.92 14.93
CA PRO E 57 -12.28 -9.63 13.70
C PRO E 57 -13.29 -10.76 13.93
N ILE E 58 -13.09 -11.58 14.95
CA ILE E 58 -13.97 -12.72 15.18
C ILE E 58 -15.39 -12.33 15.59
N ILE E 59 -15.53 -11.26 16.37
CA ILE E 59 -16.86 -10.77 16.71
C ILE E 59 -17.48 -10.08 15.50
N ALA E 60 -16.64 -9.55 14.62
CA ALA E 60 -17.09 -9.03 13.34
C ALA E 60 -17.47 -10.19 12.44
N ILE E 61 -16.89 -11.35 12.71
CA ILE E 61 -17.24 -12.59 12.02
C ILE E 61 -18.54 -13.14 12.61
N VAL E 62 -18.76 -12.88 13.90
CA VAL E 62 -19.99 -13.29 14.56
C VAL E 62 -21.20 -12.57 13.98
N ILE E 63 -21.08 -11.27 13.77
CA ILE E 63 -22.16 -10.51 13.14
C ILE E 63 -22.38 -10.97 11.70
N SER E 64 -21.31 -11.42 11.06
CA SER E 64 -21.39 -11.95 9.70
C SER E 64 -22.31 -13.16 9.58
N LEU E 65 -22.16 -14.12 10.48
CA LEU E 65 -22.97 -15.34 10.39
C LEU E 65 -24.44 -15.18 10.74
N LEU E 66 -24.77 -14.23 11.62
CA LEU E 66 -26.17 -14.04 11.98
C LEU E 66 -26.98 -13.41 10.84
N ILE E 67 -26.40 -12.41 10.18
CA ILE E 67 -27.07 -11.78 9.04
C ILE E 67 -27.19 -12.75 7.87
N LEU E 68 -26.44 -13.84 7.95
CA LEU E 68 -26.44 -14.84 6.89
C LEU E 68 -27.59 -15.82 7.07
N PHE E 69 -27.46 -16.74 8.03
CA PHE E 69 -28.30 -17.93 8.04
C PHE E 69 -29.74 -17.65 8.47
N ALA F 2 -29.56 -3.53 5.26
CA ALA F 2 -29.20 -3.16 6.63
C ALA F 2 -28.12 -4.11 7.13
N PHE F 3 -28.24 -5.37 6.74
CA PHE F 3 -27.23 -6.37 7.01
C PHE F 3 -25.95 -6.05 6.24
N LEU F 4 -26.13 -5.63 4.98
CA LEU F 4 -25.01 -5.24 4.13
C LEU F 4 -24.20 -4.12 4.77
N GLY F 5 -24.90 -3.11 5.29
CA GLY F 5 -24.27 -1.99 5.97
C GLY F 5 -23.43 -2.45 7.15
N ALA F 6 -24.07 -3.22 8.03
CA ALA F 6 -23.41 -3.74 9.22
C ALA F 6 -22.15 -4.51 8.89
N ALA F 7 -22.12 -5.09 7.69
CA ALA F 7 -20.98 -5.87 7.23
C ALA F 7 -19.75 -5.00 6.99
N ILE F 8 -19.93 -3.92 6.24
CA ILE F 8 -18.82 -3.00 5.94
C ILE F 8 -18.42 -2.22 7.20
N ALA F 9 -19.40 -1.89 8.03
CA ALA F 9 -19.14 -1.15 9.26
C ALA F 9 -18.32 -1.98 10.25
N ALA F 10 -18.66 -3.26 10.37
CA ALA F 10 -17.92 -4.17 11.22
C ALA F 10 -16.67 -4.69 10.53
N GLY F 11 -16.76 -4.86 9.21
CA GLY F 11 -15.65 -5.36 8.42
C GLY F 11 -14.46 -4.41 8.38
N LEU F 12 -14.75 -3.12 8.20
CA LEU F 12 -13.68 -2.12 8.21
C LEU F 12 -13.16 -1.94 9.62
N ALA F 13 -14.03 -2.14 10.61
CA ALA F 13 -13.63 -2.09 12.01
C ALA F 13 -12.85 -3.34 12.38
N ALA F 14 -13.08 -4.42 11.64
CA ALA F 14 -12.35 -5.66 11.87
C ALA F 14 -10.88 -5.50 11.48
N VAL F 15 -10.64 -5.11 10.24
CA VAL F 15 -9.29 -4.85 9.73
C VAL F 15 -8.62 -3.75 10.55
N GLY F 16 -9.40 -2.75 10.96
CA GLY F 16 -8.90 -1.68 11.78
C GLY F 16 -8.39 -2.18 13.12
N GLY F 17 -9.27 -2.83 13.87
CA GLY F 17 -8.94 -3.31 15.19
C GLY F 17 -7.89 -4.41 15.19
N ALA F 18 -7.83 -5.18 14.11
CA ALA F 18 -6.87 -6.27 14.02
C ALA F 18 -5.43 -5.75 13.86
N ILE F 19 -5.17 -5.07 12.75
CA ILE F 19 -3.85 -4.53 12.47
C ILE F 19 -3.47 -3.43 13.46
N GLY F 20 -4.48 -2.74 13.97
CA GLY F 20 -4.26 -1.69 14.96
C GLY F 20 -3.56 -2.19 16.21
N VAL F 21 -4.14 -3.20 16.84
CA VAL F 21 -3.55 -3.78 18.04
C VAL F 21 -2.29 -4.58 17.69
N ALA F 22 -2.30 -5.19 16.50
CA ALA F 22 -1.19 -6.00 16.04
C ALA F 22 0.11 -5.22 15.94
N ILE F 23 0.01 -3.98 15.47
CA ILE F 23 1.19 -3.13 15.31
C ILE F 23 1.73 -2.67 16.67
N ILE F 24 0.84 -2.58 17.66
CA ILE F 24 1.22 -2.15 19.00
C ILE F 24 1.94 -3.25 19.75
N VAL F 25 1.46 -4.47 19.62
CA VAL F 25 2.06 -5.61 20.30
C VAL F 25 3.40 -5.94 19.63
N LYS F 26 3.45 -5.79 18.32
CA LYS F 26 4.69 -5.96 17.57
C LYS F 26 5.76 -5.00 18.09
N ALA F 27 5.36 -3.78 18.38
CA ALA F 27 6.27 -2.78 18.93
C ALA F 27 6.71 -3.17 20.33
N THR F 28 5.78 -3.74 21.10
CA THR F 28 6.07 -4.15 22.46
C THR F 28 7.06 -5.31 22.48
N ILE F 29 7.01 -6.13 21.43
CA ILE F 29 7.94 -7.25 21.30
C ILE F 29 9.35 -6.73 21.01
N GLU F 30 9.45 -5.71 20.17
CA GLU F 30 10.74 -5.10 19.88
C GLU F 30 11.29 -4.40 21.11
N GLY F 31 10.40 -3.92 21.97
CA GLY F 31 10.81 -3.26 23.19
C GLY F 31 11.38 -4.23 24.20
N THR F 32 10.67 -5.33 24.39
CA THR F 32 11.08 -6.38 25.32
C THR F 32 12.35 -7.11 24.86
N THR F 33 12.58 -7.10 23.55
CA THR F 33 13.71 -7.82 22.96
C THR F 33 15.06 -7.24 23.36
N ARG F 34 15.13 -5.92 23.51
CA ARG F 34 16.39 -5.26 23.85
C ARG F 34 16.51 -4.93 25.34
N GLN F 35 15.59 -5.48 26.14
CA GLN F 35 15.59 -5.32 27.59
C GLN F 35 14.57 -6.28 28.22
N PRO F 36 15.04 -7.29 28.95
CA PRO F 36 14.01 -8.20 29.47
C PRO F 36 13.48 -7.81 30.85
N GLU F 37 14.18 -6.95 31.56
CA GLU F 37 13.70 -6.44 32.84
C GLU F 37 12.57 -5.46 32.57
N LEU F 38 12.69 -4.78 31.43
CA LEU F 38 11.79 -3.72 30.99
C LEU F 38 10.45 -4.26 30.50
N ARG F 39 10.19 -5.54 30.74
CA ARG F 39 8.95 -6.17 30.30
C ARG F 39 7.73 -5.62 31.03
N GLY F 40 7.93 -5.12 32.25
CA GLY F 40 6.82 -4.70 33.07
C GLY F 40 6.25 -3.33 32.72
N THR F 41 7.13 -2.38 32.42
CA THR F 41 6.71 -1.03 32.05
C THR F 41 6.01 -0.97 30.69
N LEU F 42 6.50 -1.76 29.74
CA LEU F 42 5.90 -1.82 28.40
C LEU F 42 4.62 -2.64 28.39
N GLN F 43 4.53 -3.59 29.32
CA GLN F 43 3.32 -4.38 29.47
C GLN F 43 2.15 -3.46 29.78
N THR F 44 2.35 -2.58 30.76
CA THR F 44 1.36 -1.59 31.12
C THR F 44 1.17 -0.57 30.00
N LEU F 45 2.26 -0.26 29.32
CA LEU F 45 2.25 0.71 28.24
C LEU F 45 1.42 0.25 27.04
N MET F 46 1.44 -1.05 26.77
CA MET F 46 0.62 -1.61 25.70
C MET F 46 -0.83 -1.70 26.15
N PHE F 47 -1.02 -1.95 27.45
CA PHE F 47 -2.36 -2.02 28.03
C PHE F 47 -3.04 -0.65 28.08
N ILE F 48 -2.28 0.40 27.77
CA ILE F 48 -2.84 1.72 27.63
C ILE F 48 -3.29 1.94 26.19
N GLY F 49 -2.45 1.57 25.24
CA GLY F 49 -2.72 1.77 23.84
C GLY F 49 -3.86 0.92 23.30
N VAL F 50 -3.96 -0.31 23.78
CA VAL F 50 -4.98 -1.26 23.31
C VAL F 50 -6.43 -0.78 23.46
N PRO F 51 -6.82 -0.29 24.66
CA PRO F 51 -8.18 0.25 24.78
C PRO F 51 -8.45 1.38 23.80
N LEU F 52 -7.53 2.35 23.74
CA LEU F 52 -7.66 3.49 22.84
C LEU F 52 -7.66 3.04 21.38
N ALA F 53 -6.87 2.02 21.08
CA ALA F 53 -6.85 1.42 19.75
C ALA F 53 -8.20 0.78 19.46
N GLU F 54 -8.74 0.09 20.46
CA GLU F 54 -10.02 -0.59 20.32
C GLU F 54 -11.20 0.37 20.42
N ALA F 55 -10.96 1.53 21.03
CA ALA F 55 -12.02 2.49 21.33
C ALA F 55 -12.95 2.81 20.16
N VAL F 56 -12.39 3.28 19.05
CA VAL F 56 -13.22 3.64 17.90
C VAL F 56 -13.77 2.45 17.10
N PRO F 57 -12.94 1.39 16.87
CA PRO F 57 -13.52 0.21 16.24
C PRO F 57 -14.69 -0.38 17.02
N ILE F 58 -14.55 -0.46 18.34
CA ILE F 58 -15.60 -1.04 19.17
C ILE F 58 -16.85 -0.18 19.09
N ILE F 59 -16.65 1.13 19.05
CA ILE F 59 -17.76 2.05 18.87
C ILE F 59 -18.27 2.01 17.43
N ALA F 60 -17.36 1.72 16.50
CA ALA F 60 -17.75 1.52 15.11
C ALA F 60 -18.45 0.17 14.93
N ILE F 61 -18.11 -0.78 15.79
CA ILE F 61 -18.78 -2.08 15.79
C ILE F 61 -20.10 -2.04 16.56
N VAL F 62 -20.16 -1.20 17.58
CA VAL F 62 -21.39 -1.01 18.34
C VAL F 62 -22.48 -0.45 17.44
N ILE F 63 -22.14 0.58 16.67
CA ILE F 63 -23.07 1.12 15.69
C ILE F 63 -23.35 0.10 14.59
N SER F 64 -22.33 -0.71 14.25
CA SER F 64 -22.47 -1.77 13.25
C SER F 64 -23.56 -2.76 13.63
N LEU F 65 -23.59 -3.15 14.91
CA LEU F 65 -24.57 -4.12 15.38
C LEU F 65 -25.97 -3.51 15.34
N LEU F 66 -26.02 -2.20 15.50
CA LEU F 66 -27.26 -1.44 15.40
C LEU F 66 -27.73 -1.35 13.96
N ILE F 67 -26.77 -1.23 13.04
CA ILE F 67 -27.06 -1.09 11.61
C ILE F 67 -27.79 -2.29 11.01
N LEU F 68 -27.62 -3.46 11.62
CA LEU F 68 -28.29 -4.66 11.09
C LEU F 68 -29.67 -4.83 11.73
N PHE F 69 -29.89 -4.15 12.85
CA PHE F 69 -31.13 -4.30 13.61
C PHE F 69 -32.22 -3.36 13.10
N ALA G 2 -29.43 4.64 4.93
CA ALA G 2 -29.17 5.36 6.16
C ALA G 2 -28.32 4.48 7.05
N PHE G 3 -28.61 3.18 7.02
CA PHE G 3 -27.79 2.20 7.69
C PHE G 3 -26.44 2.08 7.01
N LEU G 4 -26.46 2.05 5.68
CA LEU G 4 -25.26 1.99 4.87
C LEU G 4 -24.37 3.22 5.07
N GLY G 5 -25.00 4.39 5.11
CA GLY G 5 -24.28 5.64 5.35
C GLY G 5 -23.57 5.60 6.68
N ALA G 6 -24.33 5.31 7.73
CA ALA G 6 -23.77 5.18 9.08
C ALA G 6 -22.68 4.11 9.10
N ALA G 7 -22.82 3.12 8.23
CA ALA G 7 -21.86 2.04 8.14
C ALA G 7 -20.53 2.47 7.54
N ILE G 8 -20.59 3.13 6.38
CA ILE G 8 -19.38 3.56 5.69
C ILE G 8 -18.69 4.71 6.43
N ALA G 9 -19.48 5.60 7.02
CA ALA G 9 -18.93 6.71 7.78
C ALA G 9 -18.21 6.22 9.04
N ALA G 10 -18.79 5.22 9.71
CA ALA G 10 -18.17 4.64 10.90
C ALA G 10 -17.08 3.64 10.53
N GLY G 11 -17.28 2.92 9.44
CA GLY G 11 -16.32 1.94 8.99
C GLY G 11 -15.03 2.60 8.54
N LEU G 12 -15.18 3.69 7.80
CA LEU G 12 -14.02 4.44 7.32
C LEU G 12 -13.36 5.19 8.47
N ALA G 13 -14.15 5.58 9.46
CA ALA G 13 -13.63 6.21 10.66
C ALA G 13 -12.98 5.19 11.58
N ALA G 14 -13.37 3.93 11.43
CA ALA G 14 -12.81 2.85 12.24
C ALA G 14 -11.34 2.63 11.92
N VAL G 15 -11.04 2.37 10.65
CA VAL G 15 -9.66 2.17 10.21
C VAL G 15 -8.79 3.38 10.49
N GLY G 16 -9.35 4.58 10.35
CA GLY G 16 -8.63 5.81 10.63
C GLY G 16 -8.18 5.90 12.09
N GLY G 17 -9.14 5.83 13.00
CA GLY G 17 -8.87 5.95 14.41
C GLY G 17 -8.04 4.81 14.97
N ALA G 18 -8.15 3.64 14.35
CA ALA G 18 -7.42 2.47 14.80
C ALA G 18 -5.92 2.57 14.50
N ILE G 19 -5.57 2.61 13.22
CA ILE G 19 -4.16 2.69 12.80
C ILE G 19 -3.51 4.03 13.19
N GLY G 20 -4.32 5.08 13.26
CA GLY G 20 -3.84 6.39 13.66
C GLY G 20 -3.22 6.38 15.04
N VAL G 21 -3.99 5.92 16.01
CA VAL G 21 -3.53 5.82 17.40
C VAL G 21 -2.49 4.70 17.57
N ALA G 22 -2.64 3.65 16.76
CA ALA G 22 -1.76 2.49 16.86
C ALA G 22 -0.28 2.82 16.61
N ILE G 23 -0.01 3.69 15.64
CA ILE G 23 1.35 4.08 15.33
C ILE G 23 1.92 5.02 16.40
N ILE G 24 1.04 5.71 17.12
CA ILE G 24 1.47 6.68 18.13
C ILE G 24 2.02 5.96 19.36
N VAL G 25 1.33 4.90 19.78
CA VAL G 25 1.78 4.13 20.93
C VAL G 25 3.00 3.30 20.52
N LYS G 26 3.00 2.81 19.29
CA LYS G 26 4.15 2.11 18.74
C LYS G 26 5.36 3.02 18.79
N ALA G 27 5.16 4.30 18.46
CA ALA G 27 6.23 5.28 18.52
C ALA G 27 6.68 5.48 19.96
N THR G 28 5.72 5.50 20.88
CA THR G 28 6.03 5.69 22.29
C THR G 28 6.75 4.45 22.83
N ILE G 29 6.42 3.28 22.30
CA ILE G 29 7.10 2.05 22.67
C ILE G 29 8.49 2.06 22.05
N GLU G 30 8.57 2.48 20.80
CA GLU G 30 9.84 2.63 20.11
C GLU G 30 10.66 3.75 20.75
N GLY G 31 9.94 4.74 21.30
CA GLY G 31 10.59 5.84 21.98
C GLY G 31 11.18 5.45 23.32
N THR G 32 10.39 4.76 24.14
CA THR G 32 10.83 4.36 25.47
C THR G 32 11.93 3.29 25.46
N THR G 33 11.96 2.46 24.42
CA THR G 33 12.94 1.37 24.35
C THR G 33 14.37 1.89 24.12
N ARG G 34 14.50 2.98 23.38
CA ARG G 34 15.83 3.52 23.06
C ARG G 34 16.18 4.67 24.02
N GLN G 35 15.30 4.89 25.01
CA GLN G 35 15.64 5.70 26.16
C GLN G 35 14.56 5.55 27.23
N PRO G 36 14.90 4.87 28.35
CA PRO G 36 13.90 4.62 29.40
C PRO G 36 13.84 5.74 30.44
N GLU G 37 14.77 6.69 30.35
CA GLU G 37 14.78 7.80 31.29
C GLU G 37 13.58 8.68 31.00
N LEU G 38 13.24 8.78 29.72
CA LEU G 38 12.20 9.68 29.25
C LEU G 38 10.89 8.97 28.95
N ARG G 39 10.51 8.00 29.77
CA ARG G 39 9.27 7.27 29.52
C ARG G 39 8.06 8.18 29.75
N GLY G 40 8.24 9.17 30.63
CA GLY G 40 7.13 10.03 31.04
C GLY G 40 6.78 11.11 30.04
N THR G 41 7.80 11.70 29.41
CA THR G 41 7.59 12.76 28.42
C THR G 41 6.90 12.25 27.16
N LEU G 42 7.20 11.02 26.75
CA LEU G 42 6.57 10.44 25.58
C LEU G 42 5.13 10.01 25.83
N GLN G 43 4.83 9.64 27.08
CA GLN G 43 3.46 9.30 27.44
C GLN G 43 2.54 10.49 27.25
N THR G 44 2.92 11.62 27.84
CA THR G 44 2.15 12.85 27.71
C THR G 44 2.18 13.38 26.27
N LEU G 45 3.30 13.16 25.60
CA LEU G 45 3.45 13.59 24.21
C LEU G 45 2.51 12.79 23.32
N MET G 46 2.31 11.52 23.68
CA MET G 46 1.37 10.66 22.99
C MET G 46 -0.05 11.00 23.44
N PHE G 47 -0.18 11.41 24.71
CA PHE G 47 -1.47 11.82 25.25
C PHE G 47 -1.95 13.14 24.65
N ILE G 48 -1.07 13.80 23.91
CA ILE G 48 -1.46 14.97 23.14
C ILE G 48 -1.91 14.50 21.76
N GLY G 49 -1.12 13.61 21.17
CA GLY G 49 -1.38 13.11 19.83
C GLY G 49 -2.61 12.24 19.71
N VAL G 50 -2.86 11.41 20.73
CA VAL G 50 -4.00 10.50 20.72
C VAL G 50 -5.37 11.18 20.55
N PRO G 51 -5.65 12.25 21.34
CA PRO G 51 -6.91 12.96 21.11
C PRO G 51 -7.01 13.50 19.69
N LEU G 52 -5.96 14.19 19.23
CA LEU G 52 -5.93 14.73 17.88
C LEU G 52 -6.04 13.64 16.83
N ALA G 53 -5.43 12.49 17.11
CA ALA G 53 -5.51 11.34 16.21
C ALA G 53 -6.93 10.82 16.14
N GLU G 54 -7.65 10.86 17.27
CA GLU G 54 -9.00 10.36 17.33
C GLU G 54 -10.05 11.46 17.13
N ALA G 55 -9.58 12.72 17.14
CA ALA G 55 -10.48 13.88 17.03
C ALA G 55 -11.39 13.83 15.81
N VAL G 56 -10.79 13.69 14.62
CA VAL G 56 -11.58 13.66 13.40
C VAL G 56 -12.35 12.35 13.18
N PRO G 57 -11.74 11.19 13.51
CA PRO G 57 -12.58 9.98 13.43
C PRO G 57 -13.84 10.02 14.30
N ILE G 58 -13.74 10.49 15.54
CA ILE G 58 -14.92 10.48 16.42
C ILE G 58 -16.02 11.43 15.94
N ILE G 59 -15.64 12.57 15.36
CA ILE G 59 -16.65 13.47 14.80
C ILE G 59 -17.20 12.87 13.51
N ALA G 60 -16.38 12.05 12.84
CA ALA G 60 -16.86 11.27 11.70
C ALA G 60 -17.73 10.13 12.21
N ILE G 61 -17.50 9.74 13.46
CA ILE G 61 -18.32 8.74 14.13
C ILE G 61 -19.62 9.36 14.63
N VAL G 62 -19.53 10.62 15.06
CA VAL G 62 -20.70 11.36 15.50
C VAL G 62 -21.69 11.57 14.36
N ILE G 63 -21.20 11.99 13.20
CA ILE G 63 -22.04 12.12 12.02
C ILE G 63 -22.56 10.75 11.59
N SER G 64 -21.73 9.72 11.76
CA SER G 64 -22.14 8.36 11.49
C SER G 64 -23.32 7.95 12.35
N LEU G 65 -23.22 8.25 13.63
CA LEU G 65 -24.27 7.90 14.58
C LEU G 65 -25.49 8.79 14.36
N LEU G 66 -25.25 10.00 13.84
CA LEU G 66 -26.33 10.96 13.62
C LEU G 66 -27.25 10.56 12.46
N ILE G 67 -26.67 10.13 11.35
CA ILE G 67 -27.48 9.74 10.19
C ILE G 67 -28.30 8.48 10.41
N LEU G 68 -27.94 7.71 11.42
CA LEU G 68 -28.66 6.47 11.73
C LEU G 68 -29.85 6.80 12.64
N PHE G 69 -29.79 7.96 13.27
CA PHE G 69 -30.89 8.43 14.11
C PHE G 69 -31.66 9.55 13.42
N ALA H 2 -26.76 11.34 -3.38
CA ALA H 2 -27.61 11.22 -2.20
C ALA H 2 -26.88 11.69 -0.94
N PHE H 3 -27.55 11.62 0.20
CA PHE H 3 -26.94 11.94 1.47
C PHE H 3 -25.86 10.92 1.86
N LEU H 4 -25.85 9.80 1.14
CA LEU H 4 -24.90 8.72 1.37
C LEU H 4 -23.48 9.24 1.28
N GLY H 5 -23.25 10.16 0.33
CA GLY H 5 -21.97 10.78 0.15
C GLY H 5 -21.43 11.42 1.42
N ALA H 6 -22.27 12.22 2.08
CA ALA H 6 -21.88 12.92 3.30
C ALA H 6 -21.28 11.99 4.35
N ALA H 7 -21.71 10.73 4.32
CA ALA H 7 -21.18 9.73 5.24
C ALA H 7 -19.75 9.39 4.90
N ILE H 8 -19.50 9.07 3.63
CA ILE H 8 -18.16 8.69 3.17
C ILE H 8 -17.22 9.90 3.21
N ALA H 9 -17.75 11.09 2.96
CA ALA H 9 -16.96 12.32 2.95
C ALA H 9 -16.33 12.57 4.31
N ALA H 10 -17.08 12.29 5.37
CA ALA H 10 -16.56 12.42 6.72
C ALA H 10 -15.68 11.22 7.00
N GLY H 11 -16.05 10.08 6.43
CA GLY H 11 -15.30 8.85 6.56
C GLY H 11 -13.96 8.94 5.85
N LEU H 12 -13.97 9.52 4.65
CA LEU H 12 -12.74 9.70 3.89
C LEU H 12 -11.87 10.76 4.54
N ALA H 13 -12.52 11.74 5.16
CA ALA H 13 -11.81 12.77 5.92
C ALA H 13 -11.32 12.18 7.24
N ALA H 14 -12.00 11.12 7.69
CA ALA H 14 -11.61 10.45 8.93
C ALA H 14 -10.26 9.77 8.77
N VAL H 15 -10.14 8.89 7.77
CA VAL H 15 -8.88 8.21 7.49
C VAL H 15 -7.79 9.22 7.15
N GLY H 16 -8.15 10.26 6.41
CA GLY H 16 -7.21 11.31 6.07
C GLY H 16 -6.71 12.04 7.29
N GLY H 17 -7.64 12.61 8.04
CA GLY H 17 -7.32 13.42 9.20
C GLY H 17 -6.67 12.63 10.34
N ALA H 18 -6.98 11.35 10.43
CA ALA H 18 -6.42 10.52 11.48
C ALA H 18 -4.93 10.25 11.27
N ILE H 19 -4.60 9.58 10.17
CA ILE H 19 -3.21 9.24 9.87
C ILE H 19 -2.35 10.48 9.61
N GLY H 20 -2.98 11.56 9.15
CA GLY H 20 -2.27 12.80 8.90
C GLY H 20 -1.61 13.33 10.16
N VAL H 21 -2.38 13.52 11.22
CA VAL H 21 -1.82 13.95 12.48
C VAL H 21 -1.00 12.82 13.11
N ALA H 22 -1.42 11.59 12.86
CA ALA H 22 -0.77 10.42 13.43
C ALA H 22 0.70 10.25 13.00
N ILE H 23 0.98 10.48 11.72
CA ILE H 23 2.37 10.37 11.27
C ILE H 23 3.18 11.56 11.77
N ILE H 24 2.49 12.68 12.01
CA ILE H 24 3.13 13.89 12.47
C ILE H 24 3.53 13.75 13.95
N VAL H 25 2.64 13.16 14.75
CA VAL H 25 2.90 12.97 16.16
C VAL H 25 3.92 11.84 16.35
N LYS H 26 3.83 10.82 15.50
CA LYS H 26 4.79 9.73 15.48
C LYS H 26 6.19 10.27 15.30
N ALA H 27 6.31 11.25 14.40
CA ALA H 27 7.57 11.90 14.13
C ALA H 27 8.07 12.71 15.32
N THR H 28 7.14 13.40 16.00
CA THR H 28 7.49 14.26 17.13
C THR H 28 8.05 13.46 18.30
N ILE H 29 7.59 12.22 18.45
CA ILE H 29 8.12 11.33 19.47
C ILE H 29 9.52 10.89 19.05
N GLU H 30 9.69 10.64 17.76
CA GLU H 30 10.99 10.26 17.22
C GLU H 30 11.98 11.40 17.34
N GLY H 31 11.48 12.63 17.33
CA GLY H 31 12.33 13.80 17.45
C GLY H 31 12.93 13.98 18.84
N THR H 32 12.10 13.88 19.87
CA THR H 32 12.56 14.03 21.24
C THR H 32 13.48 12.89 21.66
N THR H 33 13.24 11.71 21.10
CA THR H 33 14.05 10.54 21.43
C THR H 33 15.46 10.60 20.84
N ARG H 34 15.58 11.21 19.66
CA ARG H 34 16.86 11.30 18.97
C ARG H 34 17.50 12.65 19.20
N GLN H 35 16.89 13.42 20.11
CA GLN H 35 17.50 14.56 20.78
C GLN H 35 16.55 14.98 21.90
N PRO H 36 16.97 14.78 23.16
CA PRO H 36 15.99 15.02 24.24
C PRO H 36 15.91 16.44 24.78
N GLU H 37 16.96 17.24 24.60
CA GLU H 37 16.95 18.61 25.11
C GLU H 37 15.97 19.50 24.37
N LEU H 38 15.74 19.21 23.09
CA LEU H 38 14.95 20.08 22.23
C LEU H 38 13.51 19.60 22.05
N ARG H 39 12.92 19.08 23.12
CA ARG H 39 11.53 18.61 23.06
C ARG H 39 10.58 19.80 22.89
N GLY H 40 11.02 20.96 23.35
CA GLY H 40 10.17 22.15 23.35
C GLY H 40 10.04 22.90 22.03
N THR H 41 11.14 23.09 21.29
CA THR H 41 11.06 23.84 20.01
C THR H 41 10.28 23.09 18.93
N LEU H 42 10.44 21.77 18.90
CA LEU H 42 9.69 20.94 17.97
C LEU H 42 8.26 20.73 18.43
N GLN H 43 8.03 20.86 19.74
CA GLN H 43 6.68 20.71 20.30
C GLN H 43 5.71 21.68 19.67
N THR H 44 6.09 22.96 19.62
CA THR H 44 5.26 23.97 18.98
C THR H 44 5.19 23.68 17.48
N LEU H 45 6.26 23.12 16.94
CA LEU H 45 6.33 22.78 15.52
C LEU H 45 5.29 21.73 15.17
N MET H 46 5.03 20.83 16.12
CA MET H 46 3.97 19.83 15.93
C MET H 46 2.62 20.51 16.09
N PHE H 47 2.56 21.49 16.99
CA PHE H 47 1.35 22.27 17.21
C PHE H 47 1.10 23.23 16.04
N ILE H 48 2.09 23.36 15.17
CA ILE H 48 1.95 24.12 13.93
C ILE H 48 1.47 23.21 12.81
N GLY H 49 2.10 22.05 12.69
CA GLY H 49 1.79 21.12 11.62
C GLY H 49 0.40 20.51 11.70
N VAL H 50 -0.04 20.23 12.92
CA VAL H 50 -1.35 19.58 13.13
C VAL H 50 -2.55 20.37 12.57
N PRO H 51 -2.67 21.68 12.87
CA PRO H 51 -3.82 22.41 12.31
C PRO H 51 -3.89 22.41 10.79
N LEU H 52 -2.81 22.78 10.11
CA LEU H 52 -2.82 22.80 8.65
C LEU H 52 -3.04 21.40 8.06
N ALA H 53 -2.50 20.39 8.72
CA ALA H 53 -2.72 19.02 8.31
C ALA H 53 -4.18 18.67 8.49
N GLU H 54 -4.76 19.12 9.60
CA GLU H 54 -6.16 18.83 9.92
C GLU H 54 -7.07 19.76 9.12
N ALA H 55 -6.51 20.89 8.67
CA ALA H 55 -7.27 21.93 7.97
C ALA H 55 -8.14 21.42 6.83
N VAL H 56 -7.54 20.67 5.92
CA VAL H 56 -8.28 20.17 4.75
C VAL H 56 -9.29 19.05 5.09
N PRO H 57 -8.94 18.10 5.98
CA PRO H 57 -9.98 17.17 6.39
C PRO H 57 -11.20 17.84 7.04
N ILE H 58 -10.98 18.79 7.94
CA ILE H 58 -12.10 19.41 8.65
C ILE H 58 -13.01 20.24 7.75
N ILE H 59 -12.44 20.91 6.74
CA ILE H 59 -13.27 21.65 5.78
C ILE H 59 -14.01 20.68 4.87
N ALA H 60 -13.45 19.48 4.70
CA ALA H 60 -14.15 18.41 3.99
C ALA H 60 -15.25 17.85 4.89
N ILE H 61 -15.09 18.03 6.19
CA ILE H 61 -16.11 17.63 7.16
C ILE H 61 -17.25 18.65 7.16
N VAL H 62 -16.91 19.90 6.89
CA VAL H 62 -17.90 20.96 6.79
C VAL H 62 -18.88 20.72 5.66
N ILE H 63 -18.37 20.37 4.49
CA ILE H 63 -19.25 20.01 3.37
C ILE H 63 -20.01 18.73 3.70
N SER H 64 -19.37 17.83 4.43
CA SER H 64 -20.00 16.59 4.87
C SER H 64 -21.24 16.88 5.69
N LEU H 65 -21.12 17.83 6.62
CA LEU H 65 -22.25 18.22 7.45
C LEU H 65 -23.26 18.99 6.61
N LEU H 66 -22.76 19.67 5.57
CA LEU H 66 -23.60 20.41 4.64
C LEU H 66 -24.40 19.48 3.72
N ILE H 67 -23.73 18.44 3.24
CA ILE H 67 -24.37 17.45 2.37
C ILE H 67 -25.44 16.68 3.14
N LEU H 68 -25.35 16.71 4.47
CA LEU H 68 -26.30 16.01 5.32
C LEU H 68 -27.51 16.91 5.57
N PHE H 69 -27.27 18.10 6.12
CA PHE H 69 -28.34 18.90 6.69
C PHE H 69 -29.14 19.62 5.60
N ALA I 2 -25.14 15.34 -6.92
CA ALA I 2 -24.26 16.49 -6.74
C ALA I 2 -23.82 16.57 -5.29
N PHE I 3 -24.73 16.20 -4.39
CA PHE I 3 -24.40 16.10 -2.97
C PHE I 3 -23.42 14.97 -2.74
N LEU I 4 -23.68 13.83 -3.39
CA LEU I 4 -22.78 12.69 -3.32
C LEU I 4 -21.43 13.06 -3.90
N GLY I 5 -21.44 13.72 -5.06
CA GLY I 5 -20.23 14.16 -5.72
C GLY I 5 -19.38 15.08 -4.87
N ALA I 6 -20.01 16.14 -4.36
CA ALA I 6 -19.35 17.12 -3.51
C ALA I 6 -18.68 16.45 -2.32
N ALA I 7 -19.25 15.33 -1.90
CA ALA I 7 -18.74 14.59 -0.76
C ALA I 7 -17.41 13.88 -1.01
N ILE I 8 -17.35 13.08 -2.08
CA ILE I 8 -16.14 12.33 -2.39
C ILE I 8 -15.01 13.24 -2.89
N ALA I 9 -15.38 14.31 -3.60
CA ALA I 9 -14.39 15.23 -4.14
C ALA I 9 -13.61 15.90 -3.02
N ALA I 10 -14.33 16.27 -1.96
CA ALA I 10 -13.70 16.84 -0.78
C ALA I 10 -13.12 15.73 0.08
N GLY I 11 -13.79 14.58 0.10
CA GLY I 11 -13.36 13.44 0.88
C GLY I 11 -12.04 12.88 0.39
N LEU I 12 -11.91 12.77 -0.93
CA LEU I 12 -10.66 12.32 -1.52
C LEU I 12 -9.60 13.40 -1.43
N ALA I 13 -10.03 14.66 -1.45
CA ALA I 13 -9.11 15.77 -1.26
C ALA I 13 -8.69 15.85 0.20
N ALA I 14 -9.54 15.32 1.07
CA ALA I 14 -9.25 15.30 2.50
C ALA I 14 -8.08 14.39 2.81
N VAL I 15 -8.18 13.12 2.41
CA VAL I 15 -7.09 12.17 2.61
C VAL I 15 -5.83 12.63 1.90
N GLY I 16 -5.99 13.22 0.72
CA GLY I 16 -4.89 13.79 -0.03
C GLY I 16 -4.23 14.95 0.72
N GLY I 17 -5.02 15.97 1.01
CA GLY I 17 -4.52 17.17 1.65
C GLY I 17 -4.00 16.97 3.05
N ALA I 18 -4.56 15.97 3.75
CA ALA I 18 -4.13 15.66 5.11
C ALA I 18 -2.75 15.04 5.08
N ILE I 19 -2.63 13.90 4.40
CA ILE I 19 -1.38 13.17 4.30
C ILE I 19 -0.29 13.96 3.56
N GLY I 20 -0.71 14.81 2.62
CA GLY I 20 0.23 15.63 1.88
C GLY I 20 1.04 16.56 2.77
N VAL I 21 0.35 17.37 3.57
CA VAL I 21 1.02 18.28 4.48
C VAL I 21 1.66 17.52 5.64
N ALA I 22 1.04 16.42 6.03
CA ALA I 22 1.51 15.61 7.15
C ALA I 22 2.92 15.07 6.93
N ILE I 23 3.20 14.70 5.69
CA ILE I 23 4.52 14.18 5.33
C ILE I 23 5.57 15.29 5.31
N ILE I 24 5.11 16.52 5.12
CA ILE I 24 5.99 17.68 5.03
C ILE I 24 6.56 18.07 6.39
N VAL I 25 5.73 18.02 7.42
CA VAL I 25 6.16 18.41 8.77
C VAL I 25 7.07 17.34 9.38
N LYS I 26 6.77 16.08 9.10
CA LYS I 26 7.61 14.97 9.53
C LYS I 26 9.03 15.17 9.03
N ALA I 27 9.16 15.62 7.78
CA ALA I 27 10.47 15.90 7.21
C ALA I 27 11.14 17.08 7.92
N THR I 28 10.34 18.09 8.27
CA THR I 28 10.86 19.28 8.92
C THR I 28 11.34 19.02 10.35
N ILE I 29 10.64 18.13 11.06
CA ILE I 29 11.07 17.72 12.39
C ILE I 29 12.28 16.78 12.28
N GLU I 30 12.29 15.97 11.22
CA GLU I 30 13.39 15.04 10.97
C GLU I 30 14.67 15.83 10.77
N GLY I 31 14.53 17.05 10.26
CA GLY I 31 15.66 17.94 10.13
C GLY I 31 16.08 18.49 11.47
N THR I 32 15.10 18.97 12.22
CA THR I 32 15.34 19.58 13.52
C THR I 32 15.83 18.60 14.60
N THR I 33 15.46 17.33 14.47
CA THR I 33 15.81 16.35 15.49
C THR I 33 17.31 16.11 15.55
N ARG I 34 17.96 16.10 14.39
CA ARG I 34 19.41 15.89 14.34
C ARG I 34 20.13 17.00 13.59
N GLN I 35 19.42 18.11 13.37
CA GLN I 35 20.05 19.39 13.08
C GLN I 35 19.14 20.52 13.58
N PRO I 36 19.41 21.00 14.79
CA PRO I 36 18.62 22.04 15.44
C PRO I 36 19.15 23.45 15.19
N GLU I 37 20.31 23.57 14.54
CA GLU I 37 20.94 24.87 14.32
C GLU I 37 20.17 25.81 13.40
N LEU I 38 19.62 25.25 12.33
CA LEU I 38 18.93 26.05 11.30
C LEU I 38 17.41 25.89 11.26
N ARG I 39 16.76 26.02 12.42
CA ARG I 39 15.31 25.84 12.51
C ARG I 39 14.55 26.86 11.67
N GLY I 40 15.17 28.01 11.41
CA GLY I 40 14.53 29.07 10.67
C GLY I 40 14.55 28.81 9.18
N THR I 41 15.66 28.26 8.71
CA THR I 41 15.83 27.94 7.29
C THR I 41 14.86 26.85 6.84
N LEU I 42 14.66 25.84 7.68
CA LEU I 42 13.73 24.77 7.36
C LEU I 42 12.27 25.17 7.57
N GLN I 43 12.02 26.06 8.52
CA GLN I 43 10.67 26.55 8.79
C GLN I 43 10.08 27.25 7.58
N THR I 44 10.83 28.18 7.00
CA THR I 44 10.36 28.89 5.81
C THR I 44 10.20 27.92 4.65
N LEU I 45 11.09 26.94 4.57
CA LEU I 45 11.05 25.97 3.49
C LEU I 45 9.80 25.10 3.56
N MET I 46 9.37 24.76 4.77
CA MET I 46 8.14 24.00 4.95
C MET I 46 6.93 24.91 4.79
N PHE I 47 7.05 26.15 5.24
CA PHE I 47 5.98 27.13 5.10
C PHE I 47 5.81 27.58 3.65
N ILE I 48 6.77 27.21 2.80
CA ILE I 48 6.66 27.40 1.36
C ILE I 48 6.03 26.14 0.76
N GLY I 49 6.50 24.99 1.21
CA GLY I 49 6.04 23.71 0.71
C GLY I 49 4.59 23.39 1.04
N VAL I 50 4.15 23.80 2.22
CA VAL I 50 2.78 23.53 2.67
C VAL I 50 1.67 24.06 1.74
N PRO I 51 1.76 25.34 1.30
CA PRO I 51 0.74 25.83 0.37
C PRO I 51 0.61 25.01 -0.91
N LEU I 52 1.73 24.71 -1.58
CA LEU I 52 1.68 23.94 -2.82
C LEU I 52 1.10 22.54 -2.60
N ALA I 53 1.42 21.95 -1.45
CA ALA I 53 0.89 20.65 -1.08
C ALA I 53 -0.61 20.73 -0.88
N GLU I 54 -1.06 21.79 -0.22
CA GLU I 54 -2.48 21.97 0.07
C GLU I 54 -3.22 22.52 -1.15
N ALA I 55 -2.46 23.14 -2.06
CA ALA I 55 -3.01 23.83 -3.24
C ALA I 55 -4.03 23.03 -4.04
N VAL I 56 -3.65 21.84 -4.48
CA VAL I 56 -4.53 21.04 -5.32
C VAL I 56 -5.70 20.41 -4.53
N PRO I 57 -5.43 19.90 -3.31
CA PRO I 57 -6.57 19.47 -2.48
C PRO I 57 -7.56 20.61 -2.21
N ILE I 58 -7.04 21.79 -1.88
CA ILE I 58 -7.89 22.93 -1.57
C ILE I 58 -8.64 23.37 -2.83
N ILE I 59 -8.02 23.21 -3.99
CA ILE I 59 -8.68 23.49 -5.25
C ILE I 59 -9.70 22.39 -5.57
N ALA I 60 -9.43 21.18 -5.08
CA ALA I 60 -10.35 20.06 -5.26
C ALA I 60 -11.60 20.17 -4.38
N ILE I 61 -11.49 20.86 -3.25
CA ILE I 61 -12.66 21.09 -2.41
C ILE I 61 -13.49 22.24 -2.99
N VAL I 62 -12.81 23.15 -3.68
CA VAL I 62 -13.49 24.23 -4.37
C VAL I 62 -14.40 23.67 -5.45
N ILE I 63 -13.88 22.73 -6.23
CA ILE I 63 -14.70 22.03 -7.21
C ILE I 63 -15.79 21.23 -6.52
N SER I 64 -15.45 20.66 -5.36
CA SER I 64 -16.41 19.93 -4.55
C SER I 64 -17.57 20.83 -4.14
N LEU I 65 -17.23 22.02 -3.65
CA LEU I 65 -18.24 22.97 -3.20
C LEU I 65 -18.96 23.59 -4.40
N LEU I 66 -18.27 23.68 -5.53
CA LEU I 66 -18.85 24.29 -6.73
C LEU I 66 -19.93 23.43 -7.40
N ILE I 67 -19.68 22.13 -7.52
CA ILE I 67 -20.66 21.24 -8.14
C ILE I 67 -21.91 21.09 -7.28
N LEU I 68 -21.78 21.44 -6.00
CA LEU I 68 -22.90 21.33 -5.06
C LEU I 68 -23.68 22.63 -5.15
N PHE I 69 -23.05 23.67 -5.68
CA PHE I 69 -23.48 25.06 -5.55
C PHE I 69 -24.21 25.36 -4.22
N ALA J 2 -22.28 13.75 -14.07
CA ALA J 2 -21.30 14.77 -14.42
C ALA J 2 -20.71 15.39 -13.15
N PHE J 3 -21.55 15.54 -12.14
CA PHE J 3 -21.08 16.00 -10.83
C PHE J 3 -20.16 14.95 -10.20
N LEU J 4 -20.58 13.69 -10.28
CA LEU J 4 -19.78 12.57 -9.77
C LEU J 4 -18.45 12.45 -10.50
N GLY J 5 -18.48 12.57 -11.82
CA GLY J 5 -17.27 12.50 -12.63
C GLY J 5 -16.28 13.57 -12.22
N ALA J 6 -16.75 14.82 -12.24
CA ALA J 6 -15.94 15.96 -11.85
C ALA J 6 -15.43 15.80 -10.41
N ALA J 7 -16.22 15.10 -9.60
CA ALA J 7 -15.86 14.87 -8.21
C ALA J 7 -14.70 13.90 -8.04
N ILE J 8 -14.81 12.73 -8.67
CA ILE J 8 -13.78 11.72 -8.55
C ILE J 8 -12.51 12.12 -9.31
N ALA J 9 -12.68 12.78 -10.46
CA ALA J 9 -11.55 13.19 -11.27
C ALA J 9 -10.71 14.23 -10.54
N ALA J 10 -11.38 15.17 -9.88
CA ALA J 10 -10.67 16.18 -9.10
C ALA J 10 -10.25 15.63 -7.75
N GLY J 11 -11.09 14.76 -7.18
CA GLY J 11 -10.81 14.18 -5.88
C GLY J 11 -9.63 13.23 -5.88
N LEU J 12 -9.55 12.35 -6.88
CA LEU J 12 -8.43 11.44 -6.97
C LEU J 12 -7.17 12.17 -7.46
N ALA J 13 -7.36 13.22 -8.24
CA ALA J 13 -6.23 14.04 -8.69
C ALA J 13 -5.70 14.85 -7.51
N ALA J 14 -6.56 15.06 -6.52
CA ALA J 14 -6.17 15.76 -5.31
C ALA J 14 -5.09 14.95 -4.60
N VAL J 15 -5.39 13.67 -4.38
CA VAL J 15 -4.43 12.75 -3.78
C VAL J 15 -3.15 12.73 -4.59
N GLY J 16 -3.29 12.80 -5.91
CA GLY J 16 -2.16 12.87 -6.81
C GLY J 16 -1.34 14.12 -6.58
N GLY J 17 -1.97 15.27 -6.72
CA GLY J 17 -1.29 16.55 -6.58
C GLY J 17 -0.78 16.84 -5.18
N ALA J 18 -1.49 16.34 -4.17
CA ALA J 18 -1.10 16.58 -2.78
C ALA J 18 0.14 15.77 -2.39
N ILE J 19 0.00 14.45 -2.37
CA ILE J 19 1.10 13.57 -1.99
C ILE J 19 2.25 13.57 -3.00
N GLY J 20 1.93 13.81 -4.27
CA GLY J 20 2.93 13.90 -5.31
C GLY J 20 3.95 14.99 -5.05
N VAL J 21 3.46 16.21 -4.86
CA VAL J 21 4.32 17.34 -4.58
C VAL J 21 4.92 17.25 -3.17
N ALA J 22 4.16 16.66 -2.25
CA ALA J 22 4.57 16.53 -0.86
C ALA J 22 5.85 15.72 -0.70
N ILE J 23 6.00 14.68 -1.52
CA ILE J 23 7.18 13.83 -1.46
C ILE J 23 8.40 14.56 -2.00
N ILE J 24 8.16 15.55 -2.86
CA ILE J 24 9.24 16.30 -3.49
C ILE J 24 9.89 17.26 -2.48
N VAL J 25 9.06 17.93 -1.70
CA VAL J 25 9.55 18.87 -0.69
C VAL J 25 10.13 18.12 0.50
N LYS J 26 9.52 16.99 0.83
CA LYS J 26 10.02 16.12 1.90
C LYS J 26 11.48 15.74 1.66
N ALA J 27 11.80 15.44 0.41
CA ALA J 27 13.18 15.11 0.05
C ALA J 27 14.10 16.31 0.21
N THR J 28 13.61 17.49 -0.19
CA THR J 28 14.42 18.70 -0.12
C THR J 28 14.66 19.13 1.32
N ILE J 29 13.70 18.85 2.20
CA ILE J 29 13.90 19.17 3.61
C ILE J 29 14.92 18.21 4.22
N GLU J 30 14.80 16.93 3.88
CA GLU J 30 15.75 15.94 4.35
C GLU J 30 17.12 16.15 3.72
N GLY J 31 17.11 16.68 2.49
CA GLY J 31 18.35 16.97 1.78
C GLY J 31 19.08 18.18 2.32
N THR J 32 18.35 19.27 2.53
CA THR J 32 18.94 20.52 3.02
C THR J 32 19.44 20.42 4.47
N THR J 33 18.78 19.59 5.25
CA THR J 33 19.15 19.42 6.66
C THR J 33 20.45 18.64 6.81
N ARG J 34 20.69 17.69 5.90
CA ARG J 34 21.90 16.88 5.98
C ARG J 34 22.97 17.43 5.03
N GLN J 35 22.71 18.63 4.52
CA GLN J 35 23.75 19.55 4.02
C GLN J 35 23.10 20.91 3.76
N PRO J 36 23.43 21.92 4.59
CA PRO J 36 22.78 23.23 4.46
C PRO J 36 23.51 24.19 3.52
N GLU J 37 24.69 23.80 3.04
CA GLU J 37 25.46 24.66 2.14
C GLU J 37 24.76 24.86 0.80
N LEU J 38 24.09 23.81 0.34
CA LEU J 38 23.46 23.81 -0.99
C LEU J 38 21.95 24.03 -0.88
N ARG J 39 21.55 24.93 0.00
CA ARG J 39 20.12 25.19 0.22
C ARG J 39 19.47 25.89 -0.97
N GLY J 40 20.27 26.67 -1.70
CA GLY J 40 19.76 27.48 -2.79
C GLY J 40 19.50 26.71 -4.06
N THR J 41 20.40 25.79 -4.38
CA THR J 41 20.27 24.96 -5.56
C THR J 41 19.04 24.04 -5.42
N LEU J 42 18.78 23.64 -4.18
CA LEU J 42 17.62 22.80 -3.89
C LEU J 42 16.32 23.59 -3.97
N GLN J 43 16.38 24.89 -3.68
CA GLN J 43 15.20 25.75 -3.81
C GLN J 43 14.70 25.82 -5.24
N THR J 44 15.60 26.11 -6.18
CA THR J 44 15.24 26.14 -7.58
C THR J 44 14.89 24.74 -8.10
N LEU J 45 15.57 23.74 -7.56
CA LEU J 45 15.37 22.36 -7.99
C LEU J 45 13.96 21.83 -7.71
N MET J 46 13.40 22.22 -6.57
CA MET J 46 12.03 21.84 -6.27
C MET J 46 11.07 22.72 -7.07
N PHE J 47 11.46 23.96 -7.30
CA PHE J 47 10.66 24.87 -8.12
C PHE J 47 10.69 24.47 -9.59
N ILE J 48 11.59 23.55 -9.93
CA ILE J 48 11.61 22.93 -11.26
C ILE J 48 10.77 21.66 -11.25
N GLY J 49 10.97 20.83 -10.23
CA GLY J 49 10.28 19.55 -10.12
C GLY J 49 8.80 19.67 -9.85
N VAL J 50 8.42 20.64 -9.02
CA VAL J 50 7.01 20.84 -8.66
C VAL J 50 6.07 21.12 -9.85
N PRO J 51 6.44 22.06 -10.75
CA PRO J 51 5.54 22.27 -11.91
C PRO J 51 5.30 21.01 -12.72
N LEU J 52 6.36 20.29 -13.06
CA LEU J 52 6.23 19.06 -13.82
C LEU J 52 5.44 18.01 -13.04
N ALA J 53 5.63 17.99 -11.72
CA ALA J 53 4.89 17.07 -10.86
C ALA J 53 3.42 17.41 -10.84
N GLU J 54 3.10 18.70 -10.74
CA GLU J 54 1.71 19.14 -10.71
C GLU J 54 1.11 19.19 -12.11
N ALA J 55 1.99 19.26 -13.13
CA ALA J 55 1.57 19.41 -14.52
C ALA J 55 0.46 18.45 -14.95
N VAL J 56 0.68 17.17 -14.74
CA VAL J 56 -0.29 16.15 -15.17
C VAL J 56 -1.57 16.10 -14.30
N PRO J 57 -1.44 16.22 -12.97
CA PRO J 57 -2.68 16.33 -12.19
C PRO J 57 -3.53 17.54 -12.57
N ILE J 58 -2.91 18.70 -12.73
CA ILE J 58 -3.67 19.93 -13.02
C ILE J 58 -4.34 19.93 -14.38
N ILE J 59 -3.71 19.34 -15.39
CA ILE J 59 -4.34 19.26 -16.71
C ILE J 59 -5.50 18.27 -16.66
N ALA J 60 -5.40 17.30 -15.76
CA ALA J 60 -6.50 16.38 -15.50
C ALA J 60 -7.60 17.08 -14.71
N ILE J 61 -7.20 18.14 -14.00
CA ILE J 61 -8.15 18.95 -13.24
C ILE J 61 -8.93 19.89 -14.17
N VAL J 62 -8.31 20.32 -15.26
CA VAL J 62 -9.01 21.12 -16.26
C VAL J 62 -10.14 20.30 -16.85
N ILE J 63 -9.86 19.03 -17.15
CA ILE J 63 -10.88 18.11 -17.63
C ILE J 63 -11.98 17.90 -16.59
N SER J 64 -11.59 17.92 -15.33
CA SER J 64 -12.56 17.79 -14.24
C SER J 64 -13.61 18.90 -14.23
N LEU J 65 -13.17 20.14 -14.35
CA LEU J 65 -14.09 21.28 -14.31
C LEU J 65 -14.96 21.48 -15.55
N LEU J 66 -14.47 21.10 -16.73
CA LEU J 66 -15.27 21.29 -17.94
C LEU J 66 -16.46 20.33 -18.08
N ILE J 67 -16.26 19.07 -17.73
CA ILE J 67 -17.34 18.08 -17.86
C ILE J 67 -18.55 18.34 -16.97
N LEU J 68 -18.37 19.16 -15.94
CA LEU J 68 -19.47 19.46 -15.02
C LEU J 68 -20.27 20.65 -15.55
N PHE J 69 -19.68 21.37 -16.50
CA PHE J 69 -20.13 22.72 -16.88
C PHE J 69 -20.12 23.67 -15.69
N ALA K 2 -20.83 8.15 -19.49
CA ALA K 2 -19.81 8.53 -20.45
C ALA K 2 -18.96 9.68 -19.93
N PHE K 3 -19.59 10.58 -19.18
CA PHE K 3 -18.87 11.64 -18.48
C PHE K 3 -18.00 11.06 -17.38
N LEU K 4 -18.55 10.07 -16.67
CA LEU K 4 -17.85 9.38 -15.60
C LEU K 4 -16.55 8.72 -16.08
N GLY K 5 -16.60 8.09 -17.24
CA GLY K 5 -15.44 7.44 -17.82
C GLY K 5 -14.26 8.38 -18.04
N ALA K 6 -14.51 9.49 -18.73
CA ALA K 6 -13.49 10.49 -19.02
C ALA K 6 -12.83 11.00 -17.74
N ALA K 7 -13.58 10.98 -16.64
CA ALA K 7 -13.09 11.45 -15.36
C ALA K 7 -12.00 10.54 -14.78
N ILE K 8 -12.25 9.24 -14.75
CA ILE K 8 -11.29 8.29 -14.20
C ILE K 8 -10.06 8.15 -15.08
N ALA K 9 -10.25 8.21 -16.40
CA ALA K 9 -9.16 8.06 -17.34
C ALA K 9 -8.12 9.16 -17.18
N ALA K 10 -8.60 10.39 -16.99
CA ALA K 10 -7.70 11.51 -16.75
C ALA K 10 -7.23 11.50 -15.31
N GLY K 11 -8.11 11.07 -14.41
CA GLY K 11 -7.80 11.00 -13.00
C GLY K 11 -6.75 9.96 -12.67
N LEU K 12 -6.88 8.78 -13.28
CA LEU K 12 -5.90 7.72 -13.07
C LEU K 12 -4.58 8.07 -13.75
N ALA K 13 -4.69 8.83 -14.84
CA ALA K 13 -3.50 9.33 -15.51
C ALA K 13 -2.86 10.44 -14.69
N ALA K 14 -3.68 11.11 -13.88
CA ALA K 14 -3.20 12.17 -13.00
C ALA K 14 -2.29 11.63 -11.91
N VAL K 15 -2.82 10.69 -11.12
CA VAL K 15 -2.04 10.05 -10.06
C VAL K 15 -0.82 9.31 -10.63
N GLY K 16 -0.98 8.71 -11.80
CA GLY K 16 0.12 8.05 -12.46
C GLY K 16 1.23 9.03 -12.77
N GLY K 17 0.90 10.06 -13.54
CA GLY K 17 1.88 11.06 -13.93
C GLY K 17 2.43 11.89 -12.79
N ALA K 18 1.61 12.09 -11.75
CA ALA K 18 2.05 12.89 -10.60
C ALA K 18 3.11 12.17 -9.78
N ILE K 19 2.76 11.04 -9.20
CA ILE K 19 3.68 10.28 -8.36
C ILE K 19 4.86 9.73 -9.16
N GLY K 20 4.65 9.48 -10.46
CA GLY K 20 5.71 8.98 -11.30
C GLY K 20 6.92 9.91 -11.35
N VAL K 21 6.69 11.16 -11.73
CA VAL K 21 7.76 12.15 -11.76
C VAL K 21 8.20 12.53 -10.35
N ALA K 22 7.26 12.45 -9.42
CA ALA K 22 7.54 12.81 -8.02
C ALA K 22 8.65 11.94 -7.43
N ILE K 23 8.66 10.67 -7.78
CA ILE K 23 9.68 9.74 -7.28
C ILE K 23 11.04 10.01 -7.94
N ILE K 24 11.01 10.42 -9.20
CA ILE K 24 12.26 10.67 -9.93
C ILE K 24 12.88 12.02 -9.55
N VAL K 25 12.06 13.05 -9.37
CA VAL K 25 12.59 14.36 -9.03
C VAL K 25 13.10 14.31 -7.59
N LYS K 26 12.39 13.58 -6.74
CA LYS K 26 12.84 13.31 -5.38
C LYS K 26 14.22 12.67 -5.42
N ALA K 27 14.38 11.75 -6.37
CA ALA K 27 15.64 11.06 -6.57
C ALA K 27 16.75 12.00 -7.04
N THR K 28 16.42 12.91 -7.94
CA THR K 28 17.44 13.80 -8.48
C THR K 28 17.95 14.84 -7.48
N ILE K 29 17.08 15.30 -6.58
CA ILE K 29 17.53 16.25 -5.57
C ILE K 29 18.33 15.52 -4.48
N GLU K 30 17.88 14.32 -4.10
CA GLU K 30 18.60 13.53 -3.10
C GLU K 30 19.95 13.12 -3.69
N GLY K 31 20.00 12.99 -5.01
CA GLY K 31 21.24 12.70 -5.71
C GLY K 31 22.14 13.91 -5.67
N THR K 32 21.56 15.08 -5.96
CA THR K 32 22.32 16.33 -5.98
C THR K 32 22.85 16.70 -4.59
N THR K 33 22.11 16.30 -3.56
CA THR K 33 22.51 16.59 -2.19
C THR K 33 23.76 15.81 -1.81
N ARG K 34 23.90 14.61 -2.34
CA ARG K 34 25.01 13.74 -2.01
C ARG K 34 26.10 13.74 -3.08
N GLN K 35 26.00 14.69 -4.02
CA GLN K 35 27.12 15.14 -4.85
C GLN K 35 26.71 16.38 -5.65
N PRO K 36 27.29 17.55 -5.34
CA PRO K 36 26.87 18.75 -6.06
C PRO K 36 27.66 19.09 -7.33
N GLU K 37 28.77 18.40 -7.60
CA GLU K 37 29.55 18.67 -8.82
C GLU K 37 28.85 18.22 -10.11
N LEU K 38 28.11 17.12 -10.06
CA LEU K 38 27.46 16.61 -11.27
C LEU K 38 25.98 16.94 -11.29
N ARG K 39 25.65 18.14 -10.86
CA ARG K 39 24.26 18.56 -10.81
C ARG K 39 23.71 18.67 -12.23
N GLY K 40 24.61 18.94 -13.18
CA GLY K 40 24.21 19.15 -14.55
C GLY K 40 23.87 17.84 -15.22
N THR K 41 24.62 16.80 -14.89
CA THR K 41 24.37 15.47 -15.43
C THR K 41 23.04 14.93 -14.92
N LEU K 42 22.72 15.24 -13.67
CA LEU K 42 21.47 14.80 -13.06
C LEU K 42 20.25 15.57 -13.54
N GLN K 43 20.43 16.83 -13.93
CA GLN K 43 19.33 17.63 -14.47
C GLN K 43 18.75 17.01 -15.73
N THR K 44 19.63 16.63 -16.64
CA THR K 44 19.25 16.06 -17.93
C THR K 44 18.51 14.73 -17.83
N LEU K 45 18.90 13.88 -16.87
CA LEU K 45 18.29 12.56 -16.74
C LEU K 45 16.81 12.62 -16.38
N MET K 46 16.42 13.63 -15.60
CA MET K 46 15.01 13.82 -15.27
C MET K 46 14.28 14.44 -16.44
N PHE K 47 14.96 15.30 -17.19
CA PHE K 47 14.38 15.90 -18.38
C PHE K 47 14.24 14.84 -19.47
N ILE K 48 14.88 13.70 -19.24
CA ILE K 48 14.69 12.51 -20.07
C ILE K 48 13.58 11.67 -19.46
N GLY K 49 13.66 11.46 -18.15
CA GLY K 49 12.71 10.63 -17.43
C GLY K 49 11.30 11.19 -17.35
N VAL K 50 11.18 12.50 -17.16
CA VAL K 50 9.88 13.15 -17.06
C VAL K 50 8.97 12.95 -18.27
N PRO K 51 9.49 13.16 -19.51
CA PRO K 51 8.62 12.90 -20.66
C PRO K 51 8.12 11.46 -20.73
N LEU K 52 9.01 10.49 -20.60
CA LEU K 52 8.61 9.07 -20.64
C LEU K 52 7.69 8.71 -19.48
N ALA K 53 7.93 9.30 -18.31
CA ALA K 53 7.06 9.08 -17.17
C ALA K 53 5.67 9.64 -17.45
N GLU K 54 5.63 10.82 -18.05
CA GLU K 54 4.38 11.47 -18.39
C GLU K 54 3.77 10.94 -19.67
N ALA K 55 4.59 10.33 -20.52
CA ALA K 55 4.19 9.89 -21.86
C ALA K 55 2.88 9.12 -21.91
N VAL K 56 2.80 8.03 -21.16
CA VAL K 56 1.58 7.22 -21.17
C VAL K 56 0.42 7.86 -20.38
N PRO K 57 0.70 8.50 -19.23
CA PRO K 57 -0.41 9.25 -18.62
C PRO K 57 -0.98 10.35 -19.51
N ILE K 58 -0.12 11.13 -20.18
CA ILE K 58 -0.61 12.24 -21.00
C ILE K 58 -1.41 11.75 -22.22
N ILE K 59 -1.01 10.62 -22.80
CA ILE K 59 -1.75 10.07 -23.93
C ILE K 59 -3.09 9.52 -23.43
N ALA K 60 -3.13 9.15 -22.15
CA ALA K 60 -4.37 8.71 -21.53
C ALA K 60 -5.33 9.88 -21.29
N ILE K 61 -4.82 11.10 -21.17
CA ILE K 61 -5.71 12.25 -21.05
C ILE K 61 -6.24 12.65 -22.43
N VAL K 62 -5.44 12.41 -23.47
CA VAL K 62 -5.91 12.65 -24.83
C VAL K 62 -7.07 11.72 -25.19
N ILE K 63 -6.94 10.44 -24.84
CA ILE K 63 -8.03 9.50 -25.06
C ILE K 63 -9.21 9.89 -24.16
N SER K 64 -8.92 10.45 -22.99
CA SER K 64 -9.96 10.90 -22.07
C SER K 64 -10.87 11.94 -22.72
N LEU K 65 -10.26 12.94 -23.38
CA LEU K 65 -11.06 13.93 -24.08
C LEU K 65 -11.63 13.34 -25.37
N LEU K 66 -10.94 12.33 -25.91
CA LEU K 66 -11.39 11.67 -27.13
C LEU K 66 -12.63 10.80 -26.92
N ILE K 67 -12.66 10.05 -25.82
CA ILE K 67 -13.82 9.20 -25.51
C ILE K 67 -15.04 10.05 -25.21
N LEU K 68 -14.81 11.33 -24.92
CA LEU K 68 -15.87 12.26 -24.62
C LEU K 68 -16.38 12.85 -25.94
N PHE K 69 -15.56 12.67 -26.99
CA PHE K 69 -15.71 13.35 -28.26
C PHE K 69 -15.79 14.87 -28.09
N ALA L 2 -18.32 1.28 -24.07
CA ALA L 2 -17.07 1.31 -24.81
C ALA L 2 -16.23 2.54 -24.42
N PHE L 3 -16.90 3.67 -24.21
CA PHE L 3 -16.22 4.86 -23.72
C PHE L 3 -15.74 4.64 -22.28
N LEU L 4 -16.62 4.04 -21.48
CA LEU L 4 -16.28 3.72 -20.10
C LEU L 4 -15.12 2.73 -20.02
N GLY L 5 -15.18 1.69 -20.86
CA GLY L 5 -14.14 0.69 -20.92
C GLY L 5 -12.78 1.26 -21.30
N ALA L 6 -12.75 1.97 -22.42
CA ALA L 6 -11.52 2.59 -22.91
C ALA L 6 -10.87 3.52 -21.88
N ALA L 7 -11.69 4.07 -21.00
CA ALA L 7 -11.20 4.99 -19.98
C ALA L 7 -10.32 4.31 -18.95
N ILE L 8 -10.81 3.21 -18.39
CA ILE L 8 -10.06 2.48 -17.37
C ILE L 8 -8.84 1.76 -17.95
N ALA L 9 -8.97 1.32 -19.20
CA ALA L 9 -7.87 0.60 -19.88
C ALA L 9 -6.63 1.48 -20.01
N ALA L 10 -6.84 2.74 -20.35
CA ALA L 10 -5.75 3.69 -20.45
C ALA L 10 -5.34 4.19 -19.08
N GLY L 11 -6.33 4.31 -18.19
CA GLY L 11 -6.09 4.78 -16.85
C GLY L 11 -5.22 3.83 -16.04
N LEU L 12 -5.51 2.53 -16.15
CA LEU L 12 -4.72 1.53 -15.45
C LEU L 12 -3.35 1.38 -16.11
N ALA L 13 -3.30 1.61 -17.42
CA ALA L 13 -2.04 1.58 -18.15
C ALA L 13 -1.24 2.83 -17.83
N ALA L 14 -1.94 3.88 -17.43
CA ALA L 14 -1.30 5.15 -17.08
C ALA L 14 -0.44 4.99 -15.83
N VAL L 15 -1.07 4.53 -14.75
CA VAL L 15 -0.36 4.30 -13.49
C VAL L 15 0.79 3.31 -13.68
N GLY L 16 0.56 2.30 -14.49
CA GLY L 16 1.59 1.31 -14.81
C GLY L 16 2.79 1.90 -15.52
N GLY L 17 2.54 2.50 -16.68
CA GLY L 17 3.61 3.04 -17.50
C GLY L 17 4.34 4.21 -16.87
N ALA L 18 3.62 4.99 -16.07
CA ALA L 18 4.21 6.14 -15.40
C ALA L 18 5.15 5.70 -14.29
N ILE L 19 4.60 4.99 -13.32
CA ILE L 19 5.36 4.51 -12.17
C ILE L 19 6.41 3.47 -12.59
N GLY L 20 6.14 2.74 -13.67
CA GLY L 20 7.06 1.75 -14.18
C GLY L 20 8.43 2.33 -14.52
N VAL L 21 8.44 3.35 -15.37
CA VAL L 21 9.69 4.02 -15.74
C VAL L 21 10.22 4.79 -14.54
N ALA L 22 9.31 5.27 -13.69
CA ALA L 22 9.66 6.05 -12.52
C ALA L 22 10.56 5.26 -11.56
N ILE L 23 10.27 3.97 -11.41
CA ILE L 23 11.09 3.11 -10.54
C ILE L 23 12.43 2.85 -11.21
N ILE L 24 12.44 2.86 -12.53
CA ILE L 24 13.65 2.65 -13.31
C ILE L 24 14.56 3.88 -13.31
N VAL L 25 13.97 5.05 -13.42
CA VAL L 25 14.76 6.29 -13.45
C VAL L 25 15.29 6.57 -12.04
N LYS L 26 14.46 6.25 -11.03
CA LYS L 26 14.85 6.34 -9.63
C LYS L 26 16.09 5.50 -9.33
N ALA L 27 16.11 4.30 -9.90
CA ALA L 27 17.23 3.39 -9.71
C ALA L 27 18.51 3.92 -10.33
N THR L 28 18.40 4.52 -11.50
CA THR L 28 19.55 5.04 -12.23
C THR L 28 20.18 6.24 -11.54
N ILE L 29 19.39 7.00 -10.79
CA ILE L 29 19.93 8.15 -10.09
C ILE L 29 20.86 7.68 -8.97
N GLU L 30 20.46 6.62 -8.26
CA GLU L 30 21.32 6.06 -7.22
C GLU L 30 22.54 5.40 -7.84
N GLY L 31 22.36 4.88 -9.04
CA GLY L 31 23.42 4.23 -9.79
C GLY L 31 24.46 5.18 -10.35
N THR L 32 23.98 6.27 -10.96
CA THR L 32 24.86 7.25 -11.59
C THR L 32 25.75 7.98 -10.58
N THR L 33 25.32 8.04 -9.33
CA THR L 33 26.05 8.77 -8.32
C THR L 33 27.42 8.15 -8.04
N ARG L 34 27.49 6.83 -8.04
CA ARG L 34 28.76 6.14 -7.79
C ARG L 34 28.93 4.99 -8.77
N GLN L 35 29.57 5.25 -9.91
CA GLN L 35 30.18 6.54 -10.20
C GLN L 35 29.62 7.08 -11.52
N PRO L 36 29.95 8.33 -11.90
CA PRO L 36 29.41 8.80 -13.17
C PRO L 36 30.33 8.44 -14.33
N GLU L 37 31.47 7.81 -14.02
CA GLU L 37 32.39 7.39 -15.06
C GLU L 37 31.69 6.32 -15.89
N LEU L 38 30.85 5.54 -15.22
CA LEU L 38 30.12 4.45 -15.85
C LEU L 38 28.67 4.84 -16.11
N ARG L 39 28.45 6.10 -16.44
CA ARG L 39 27.11 6.61 -16.70
C ARG L 39 26.56 6.02 -18.01
N GLY L 40 27.46 5.69 -18.92
CA GLY L 40 27.08 5.27 -20.25
C GLY L 40 26.57 3.84 -20.23
N THR L 41 27.21 3.01 -19.40
CA THR L 41 26.80 1.63 -19.25
C THR L 41 25.42 1.56 -18.59
N LEU L 42 25.19 2.44 -17.62
CA LEU L 42 23.92 2.50 -16.91
C LEU L 42 22.80 3.19 -17.70
N GLN L 43 23.16 4.16 -18.53
CA GLN L 43 22.19 4.83 -19.38
C GLN L 43 21.56 3.83 -20.35
N THR L 44 22.40 2.98 -20.94
CA THR L 44 21.91 1.95 -21.86
C THR L 44 21.01 0.96 -21.13
N LEU L 45 21.34 0.67 -19.86
CA LEU L 45 20.57 -0.26 -19.05
C LEU L 45 19.17 0.27 -18.77
N MET L 46 19.05 1.58 -18.62
CA MET L 46 17.77 2.24 -18.40
C MET L 46 16.96 2.35 -19.69
N PHE L 47 17.65 2.56 -20.80
CA PHE L 47 17.01 2.62 -22.12
C PHE L 47 16.53 1.25 -22.59
N ILE L 48 16.92 0.20 -21.89
CA ILE L 48 16.40 -1.13 -22.15
C ILE L 48 15.15 -1.38 -21.31
N GLY L 49 15.23 -1.02 -20.03
CA GLY L 49 14.14 -1.25 -19.10
C GLY L 49 12.91 -0.42 -19.38
N VAL L 50 13.11 0.82 -19.83
CA VAL L 50 12.00 1.73 -20.11
C VAL L 50 10.98 1.21 -21.13
N PRO L 51 11.43 0.72 -22.31
CA PRO L 51 10.45 0.15 -23.24
C PRO L 51 9.67 -1.03 -22.66
N LEU L 52 10.39 -1.98 -22.07
CA LEU L 52 9.76 -3.17 -21.48
C LEU L 52 8.79 -2.83 -20.34
N ALA L 53 9.15 -1.83 -19.55
CA ALA L 53 8.28 -1.36 -18.48
C ALA L 53 7.02 -0.76 -19.08
N GLU L 54 7.20 0.00 -20.16
CA GLU L 54 6.08 0.64 -20.85
C GLU L 54 5.35 -0.35 -21.76
N ALA L 55 6.02 -1.45 -22.11
CA ALA L 55 5.51 -2.41 -23.10
C ALA L 55 4.05 -2.83 -22.90
N VAL L 56 3.71 -3.33 -21.72
CA VAL L 56 2.34 -3.75 -21.46
C VAL L 56 1.36 -2.58 -21.26
N PRO L 57 1.78 -1.51 -20.56
CA PRO L 57 0.91 -0.34 -20.53
C PRO L 57 0.62 0.26 -21.91
N ILE L 58 1.64 0.38 -22.77
CA ILE L 58 1.42 1.01 -24.08
C ILE L 58 0.50 0.20 -24.99
N ILE L 59 0.58 -1.13 -24.92
CA ILE L 59 -0.33 -1.95 -25.71
C ILE L 59 -1.74 -1.87 -25.13
N ALA L 60 -1.82 -1.61 -23.83
CA ALA L 60 -3.10 -1.39 -23.18
C ALA L 60 -3.68 -0.05 -23.59
N ILE L 61 -2.81 0.85 -24.04
CA ILE L 61 -3.24 2.13 -24.59
C ILE L 61 -3.78 1.92 -26.00
N VAL L 62 -3.20 0.95 -26.71
CA VAL L 62 -3.72 0.57 -28.02
C VAL L 62 -5.11 -0.05 -27.90
N ILE L 63 -5.31 -0.90 -26.91
CA ILE L 63 -6.64 -1.47 -26.67
C ILE L 63 -7.64 -0.37 -26.33
N SER L 64 -7.19 0.65 -25.61
CA SER L 64 -8.03 1.80 -25.33
C SER L 64 -8.42 2.44 -26.64
N LEU L 65 -7.44 2.61 -27.52
CA LEU L 65 -7.66 3.17 -28.85
C LEU L 65 -8.39 2.17 -29.74
N LEU L 66 -8.24 0.89 -29.44
CA LEU L 66 -8.88 -0.18 -30.19
C LEU L 66 -10.39 -0.18 -29.92
N ILE L 67 -10.77 0.06 -28.67
CA ILE L 67 -12.18 0.12 -28.28
C ILE L 67 -12.88 1.30 -28.94
N LEU L 68 -12.09 2.25 -29.44
CA LEU L 68 -12.65 3.43 -30.11
C LEU L 68 -13.33 3.00 -31.41
N PHE L 69 -13.00 1.81 -31.88
CA PHE L 69 -13.69 1.22 -33.03
C PHE L 69 -13.92 -0.27 -32.82
#